data_7U1J
#
_entry.id   7U1J
#
_cell.length_a   269.155
_cell.length_b   269.155
_cell.length_c   269.155
_cell.angle_alpha   90.000
_cell.angle_beta   90.000
_cell.angle_gamma   90.000
#
_symmetry.space_group_name_H-M   'F 2 3'
#
loop_
_entity.id
_entity.type
_entity.pdbx_description
1 polymer Convicilin
2 water water
#
_entity_poly.entity_id   1
_entity_poly.type   'polypeptide(L)'
_entity_poly.pdbx_seq_one_letter_code
;MGSSHHHHHHLVPRGSHMMSQERRNPFLFKSNKFLTLFENENGHIRLLQRFDKRSDLFENLQNYRLVEYRAKPHTIFLPQ
HIDADLILVVLSGKAILTVLSPNDRNSYNLERGDTIKLPAGTTSYLVNQDDEEDLRLVDLVIPVNGPGKFEAFDLAKNKN
QYLRGFSKNILEASYNTRYETIEKVLLEEQEKDRKRRQQGEETDAIVKVSREQIEELKKLAKSSSKKSLPSEFEPINLRS
HKPEYSNKFGKLFEITPEKKYPQLQDLDLFVSCVEINEGALMLPHYNSRAIVVLLVNEGKGNLELLGLKNEQQEREDRKE
RNNEVQRYEARLSPGDVVIIPAGHPVAITASSNLNLLGFGINAENNERNFLSGSDDNVISQIENPVKELTFPGSVQEINR
LIKNQKQSHFANA
;
_entity_poly.pdbx_strand_id   A,B,C
#
# COMPACT_ATOMS: atom_id res chain seq x y z
N ASN A 25 -23.53 34.37 -3.76
CA ASN A 25 -22.43 35.39 -3.73
C ASN A 25 -21.42 35.18 -4.86
N PRO A 26 -21.61 35.82 -6.03
CA PRO A 26 -20.71 35.62 -7.16
C PRO A 26 -19.31 36.23 -7.01
N PHE A 27 -19.09 37.12 -6.03
CA PHE A 27 -17.85 37.92 -5.88
C PHE A 27 -16.84 37.12 -5.09
N LEU A 28 -17.25 36.02 -4.47
CA LEU A 28 -16.40 35.23 -3.55
C LEU A 28 -15.87 34.00 -4.28
N PHE A 29 -14.56 33.89 -4.44
CA PHE A 29 -13.86 32.69 -4.97
C PHE A 29 -13.11 32.04 -3.83
N LYS A 30 -13.68 30.98 -3.24
CA LYS A 30 -13.04 30.33 -2.08
C LYS A 30 -11.72 29.73 -2.56
N SER A 31 -10.79 29.58 -1.62
CA SER A 31 -9.44 28.98 -1.80
C SER A 31 -9.45 27.70 -2.63
N ASN A 32 -10.46 26.86 -2.52
CA ASN A 32 -10.58 25.59 -3.28
C ASN A 32 -10.89 25.83 -4.77
N LYS A 33 -11.21 27.06 -5.18
CA LYS A 33 -11.35 27.34 -6.62
C LYS A 33 -9.97 27.45 -7.21
N PHE A 34 -8.92 27.33 -6.39
CA PHE A 34 -7.54 27.18 -6.90
C PHE A 34 -7.30 25.73 -7.30
N LEU A 35 -7.12 25.55 -8.61
CA LEU A 35 -6.74 24.25 -9.24
C LEU A 35 -5.26 24.07 -9.11
N THR A 36 -4.82 22.97 -8.49
CA THR A 36 -3.38 22.64 -8.37
C THR A 36 -2.86 22.26 -9.75
N LEU A 37 -1.91 23.01 -10.33
CA LEU A 37 -1.24 22.57 -11.60
C LEU A 37 -0.11 21.57 -11.32
N PHE A 38 0.50 21.65 -10.14
CA PHE A 38 1.72 20.89 -9.81
C PHE A 38 1.90 20.86 -8.30
N GLU A 39 2.10 19.67 -7.74
CA GLU A 39 2.47 19.51 -6.31
C GLU A 39 3.47 18.37 -6.13
N ASN A 40 4.43 18.59 -5.21
CA ASN A 40 5.46 17.60 -4.78
C ASN A 40 6.03 18.04 -3.42
N GLU A 41 6.93 17.24 -2.87
CA GLU A 41 7.67 17.53 -1.62
C GLU A 41 8.09 18.99 -1.59
N ASN A 42 8.47 19.57 -2.74
CA ASN A 42 9.28 20.82 -2.82
C ASN A 42 8.44 22.07 -3.04
N GLY A 43 7.14 21.98 -3.28
CA GLY A 43 6.32 23.16 -3.61
C GLY A 43 5.05 22.79 -4.34
N HIS A 44 4.25 23.79 -4.71
CA HIS A 44 2.98 23.60 -5.46
C HIS A 44 2.72 24.86 -6.29
N ILE A 45 2.09 24.70 -7.45
CA ILE A 45 1.60 25.85 -8.26
C ILE A 45 0.11 25.63 -8.46
N ARG A 46 -0.65 26.68 -8.19
CA ARG A 46 -2.13 26.63 -8.24
C ARG A 46 -2.58 27.76 -9.16
N LEU A 47 -3.60 27.54 -9.99
CA LEU A 47 -4.26 28.54 -10.87
C LEU A 47 -5.71 28.68 -10.43
N LEU A 48 -6.21 29.91 -10.22
CA LEU A 48 -7.61 30.23 -9.85
C LEU A 48 -8.53 30.04 -11.07
N GLN A 49 -9.78 29.64 -10.85
CA GLN A 49 -10.78 29.49 -11.92
C GLN A 49 -10.81 30.77 -12.74
N ARG A 50 -11.10 30.66 -14.05
CA ARG A 50 -11.53 31.79 -14.89
C ARG A 50 -12.63 32.53 -14.08
N PHE A 51 -12.45 33.83 -13.85
CA PHE A 51 -13.41 34.70 -13.14
C PHE A 51 -14.73 34.64 -13.87
N ASP A 52 -14.68 34.53 -15.19
CA ASP A 52 -15.88 34.68 -16.06
C ASP A 52 -16.49 33.30 -16.37
N LYS A 53 -16.14 32.25 -15.61
CA LYS A 53 -16.67 30.89 -15.82
C LYS A 53 -18.06 30.76 -15.20
N ARG A 54 -18.12 30.85 -13.88
CA ARG A 54 -19.32 30.61 -13.05
C ARG A 54 -20.45 31.56 -13.48
N SER A 55 -20.14 32.84 -13.83
CA SER A 55 -21.12 33.92 -14.16
C SER A 55 -20.49 34.95 -15.12
N ASP A 56 -21.30 35.72 -15.86
CA ASP A 56 -20.80 36.67 -16.90
C ASP A 56 -20.08 37.81 -16.19
N LEU A 57 -20.76 38.92 -15.93
CA LEU A 57 -20.55 39.83 -14.76
C LEU A 57 -19.09 40.31 -14.60
N PHE A 58 -18.13 39.40 -14.58
CA PHE A 58 -16.67 39.65 -14.62
C PHE A 58 -16.13 39.48 -16.05
N GLU A 59 -16.97 39.78 -17.05
CA GLU A 59 -16.53 39.73 -18.46
C GLU A 59 -15.34 40.70 -18.63
N ASN A 60 -15.23 41.72 -17.80
CA ASN A 60 -14.08 42.66 -17.83
C ASN A 60 -12.82 42.08 -17.19
N LEU A 61 -12.94 41.09 -16.30
CA LEU A 61 -11.77 40.40 -15.71
C LEU A 61 -11.41 39.15 -16.51
N GLN A 62 -11.94 38.99 -17.73
CA GLN A 62 -11.82 37.68 -18.40
C GLN A 62 -10.38 37.37 -18.76
N ASN A 63 -9.56 38.39 -19.01
CA ASN A 63 -8.13 38.19 -19.33
C ASN A 63 -7.22 38.36 -18.11
N TYR A 64 -7.68 38.17 -16.86
CA TYR A 64 -6.78 38.01 -15.67
C TYR A 64 -7.01 36.66 -14.98
N ARG A 65 -5.94 36.09 -14.44
CA ARG A 65 -5.96 34.92 -13.54
C ARG A 65 -4.99 35.21 -12.40
N LEU A 66 -5.13 34.47 -11.31
CA LEU A 66 -4.18 34.41 -10.19
C LEU A 66 -3.54 33.02 -10.16
N VAL A 67 -2.24 33.02 -9.83
CA VAL A 67 -1.41 31.81 -9.57
C VAL A 67 -0.84 31.96 -8.16
N GLU A 68 -0.96 30.93 -7.32
CA GLU A 68 -0.26 30.85 -6.01
C GLU A 68 0.95 29.97 -6.28
N TYR A 69 2.10 30.38 -5.81
CA TYR A 69 3.35 29.61 -5.90
C TYR A 69 3.90 29.49 -4.48
N ARG A 70 4.22 28.27 -4.11
CA ARG A 70 4.90 27.97 -2.85
C ARG A 70 6.04 26.99 -3.15
N ALA A 71 7.20 27.23 -2.55
CA ALA A 71 8.39 26.36 -2.68
C ALA A 71 9.14 26.31 -1.35
N LYS A 72 9.49 25.09 -0.97
CA LYS A 72 10.36 24.75 0.18
C LYS A 72 11.72 25.45 -0.01
N PRO A 73 12.51 25.62 1.08
CA PRO A 73 13.90 26.09 0.98
C PRO A 73 14.80 25.33 -0.01
N HIS A 74 15.82 26.01 -0.52
CA HIS A 74 16.86 25.44 -1.42
C HIS A 74 16.16 24.65 -2.54
N THR A 75 15.28 25.31 -3.30
CA THR A 75 14.50 24.74 -4.46
C THR A 75 14.61 25.68 -5.66
N ILE A 76 14.45 25.13 -6.87
CA ILE A 76 14.46 25.96 -8.10
C ILE A 76 13.25 25.56 -8.92
N PHE A 77 12.54 26.55 -9.42
CA PHE A 77 11.43 26.38 -10.39
C PHE A 77 12.13 26.43 -11.75
N LEU A 78 12.18 25.29 -12.42
CA LEU A 78 13.08 25.11 -13.59
C LEU A 78 12.61 25.93 -14.80
N PRO A 79 13.51 26.12 -15.79
CA PRO A 79 13.20 26.94 -16.96
C PRO A 79 11.86 26.60 -17.64
N GLN A 80 11.06 27.65 -17.71
CA GLN A 80 9.69 27.65 -18.26
C GLN A 80 9.42 29.04 -18.83
N HIS A 81 8.56 29.14 -19.84
CA HIS A 81 8.01 30.46 -20.27
C HIS A 81 6.51 30.33 -20.27
N ILE A 82 5.84 31.41 -19.86
CA ILE A 82 4.36 31.48 -19.79
C ILE A 82 3.95 32.51 -20.80
N ASP A 83 2.82 32.28 -21.49
CA ASP A 83 2.31 33.22 -22.52
C ASP A 83 1.37 34.22 -21.85
N ALA A 84 1.92 34.96 -20.91
CA ALA A 84 1.19 35.97 -20.11
C ALA A 84 2.19 36.92 -19.48
N ASP A 85 1.90 38.21 -19.47
CA ASP A 85 2.59 39.12 -18.54
C ASP A 85 2.17 38.65 -17.16
N LEU A 86 3.12 38.56 -16.24
CA LEU A 86 2.92 38.19 -14.81
C LEU A 86 3.38 39.37 -13.95
N ILE A 87 2.59 39.75 -12.95
CA ILE A 87 3.07 40.57 -11.81
C ILE A 87 3.22 39.64 -10.63
N LEU A 88 4.47 39.39 -10.24
CA LEU A 88 4.84 38.60 -9.04
C LEU A 88 4.70 39.45 -7.79
N VAL A 89 4.06 38.90 -6.79
CA VAL A 89 4.09 39.51 -5.44
C VAL A 89 4.57 38.44 -4.46
N VAL A 90 5.69 38.73 -3.81
CA VAL A 90 6.25 37.89 -2.72
C VAL A 90 5.51 38.24 -1.42
N LEU A 91 4.81 37.24 -0.87
CA LEU A 91 4.10 37.33 0.43
C LEU A 91 5.07 36.94 1.56
N SER A 92 6.01 36.03 1.31
CA SER A 92 6.92 35.44 2.32
C SER A 92 8.20 34.95 1.63
N GLY A 93 9.27 34.75 2.39
CA GLY A 93 10.46 34.10 1.86
C GLY A 93 11.25 35.07 1.02
N LYS A 94 12.25 34.54 0.33
CA LYS A 94 13.27 35.32 -0.41
C LYS A 94 13.61 34.48 -1.63
N ALA A 95 13.72 35.11 -2.80
CA ALA A 95 13.97 34.40 -4.07
C ALA A 95 15.02 35.13 -4.89
N ILE A 96 15.73 34.39 -5.71
CA ILE A 96 16.45 34.90 -6.91
C ILE A 96 15.60 34.48 -8.12
N LEU A 97 14.94 35.45 -8.77
CA LEU A 97 14.27 35.26 -10.07
C LEU A 97 15.24 35.57 -11.22
N THR A 98 15.55 34.62 -12.09
CA THR A 98 16.43 34.85 -13.26
C THR A 98 15.54 34.87 -14.51
N VAL A 99 15.67 35.92 -15.30
CA VAL A 99 14.88 36.20 -16.51
C VAL A 99 15.80 36.24 -17.71
N LEU A 100 15.48 35.48 -18.75
CA LEU A 100 16.38 35.28 -19.90
C LEU A 100 15.82 36.03 -21.09
N SER A 101 16.65 36.74 -21.80
CA SER A 101 16.32 37.25 -23.14
C SER A 101 17.07 36.31 -24.06
N PRO A 102 16.90 36.45 -25.39
CA PRO A 102 17.67 35.66 -26.35
C PRO A 102 19.19 35.77 -26.23
N ASN A 103 19.68 36.95 -25.83
CA ASN A 103 21.13 37.29 -25.83
C ASN A 103 21.57 37.80 -24.46
N ASP A 104 20.70 37.69 -23.45
CA ASP A 104 20.93 38.37 -22.15
C ASP A 104 20.21 37.64 -21.04
N ARG A 105 20.62 37.98 -19.84
CA ARG A 105 20.15 37.36 -18.60
C ARG A 105 20.18 38.47 -17.55
N ASN A 106 19.26 38.40 -16.61
CA ASN A 106 19.10 39.37 -15.51
C ASN A 106 18.55 38.55 -14.37
N SER A 107 19.06 38.72 -13.17
CA SER A 107 18.43 38.08 -12.01
C SER A 107 18.15 39.16 -10.97
N TYR A 108 17.06 38.98 -10.23
CA TYR A 108 16.55 39.99 -9.28
C TYR A 108 16.45 39.31 -7.92
N ASN A 109 16.91 39.98 -6.86
CA ASN A 109 16.70 39.49 -5.47
C ASN A 109 15.30 39.91 -5.02
N LEU A 110 14.45 38.93 -4.70
CA LEU A 110 13.03 39.16 -4.38
C LEU A 110 12.79 39.00 -2.88
N GLU A 111 12.11 39.95 -2.25
CA GLU A 111 11.80 39.97 -0.79
C GLU A 111 10.29 40.12 -0.56
N ARG A 112 9.79 39.69 0.61
CA ARG A 112 8.45 40.04 1.14
C ARG A 112 8.04 41.44 0.67
N GLY A 113 6.94 41.55 -0.07
CA GLY A 113 6.35 42.83 -0.51
C GLY A 113 6.93 43.35 -1.81
N ASP A 114 7.91 42.64 -2.39
CA ASP A 114 8.48 42.96 -3.73
C ASP A 114 7.51 42.47 -4.79
N THR A 115 7.30 43.32 -5.79
CA THR A 115 6.49 43.05 -7.00
C THR A 115 7.40 43.31 -8.19
N ILE A 116 7.26 42.53 -9.26
CA ILE A 116 8.03 42.75 -10.51
C ILE A 116 7.22 42.21 -11.66
N LYS A 117 7.39 42.77 -12.84
CA LYS A 117 6.72 42.27 -14.05
C LYS A 117 7.62 41.18 -14.64
N LEU A 118 7.07 40.00 -14.86
CA LEU A 118 7.77 38.87 -15.52
C LEU A 118 7.11 38.78 -16.89
N PRO A 119 7.67 39.45 -17.92
CA PRO A 119 6.97 39.64 -19.19
C PRO A 119 6.71 38.29 -19.87
N ALA A 120 5.64 38.24 -20.69
CA ALA A 120 5.21 37.10 -21.52
C ALA A 120 6.37 36.50 -22.30
N GLY A 121 6.35 35.18 -22.46
CA GLY A 121 7.31 34.45 -23.30
C GLY A 121 8.76 34.63 -22.87
N THR A 122 9.04 35.00 -21.61
CA THR A 122 10.43 35.03 -21.08
C THR A 122 10.69 33.69 -20.40
N THR A 123 11.65 32.95 -20.91
CA THR A 123 12.18 31.80 -20.19
C THR A 123 12.76 32.34 -18.87
N SER A 124 12.36 31.75 -17.74
CA SER A 124 12.74 32.21 -16.39
C SER A 124 12.77 31.01 -15.47
N TYR A 125 13.49 31.15 -14.37
CA TYR A 125 13.53 30.17 -13.26
C TYR A 125 13.67 30.92 -11.94
N LEU A 126 13.27 30.27 -10.85
CA LEU A 126 12.98 30.97 -9.57
C LEU A 126 13.58 30.14 -8.42
N VAL A 127 14.67 30.64 -7.83
CA VAL A 127 15.40 29.97 -6.73
C VAL A 127 14.87 30.48 -5.39
N ASN A 128 14.58 29.57 -4.48
CA ASN A 128 14.35 29.94 -3.04
C ASN A 128 15.65 29.74 -2.25
N GLN A 129 16.48 30.76 -2.10
CA GLN A 129 17.86 30.60 -1.54
C GLN A 129 17.83 30.59 0.00
N ASP A 130 16.73 30.99 0.63
CA ASP A 130 16.53 30.88 2.09
C ASP A 130 16.72 29.42 2.54
N ASP A 131 17.10 29.20 3.80
CA ASP A 131 17.56 27.88 4.34
C ASP A 131 16.41 27.19 5.05
N GLU A 132 15.50 27.99 5.64
CA GLU A 132 14.42 27.50 6.54
C GLU A 132 13.03 27.95 6.04
N GLU A 133 12.93 29.16 5.45
CA GLU A 133 11.63 29.85 5.17
C GLU A 133 11.11 29.47 3.78
N ASP A 134 9.83 29.05 3.68
CA ASP A 134 9.13 28.84 2.37
C ASP A 134 8.97 30.19 1.67
N LEU A 135 9.16 30.18 0.35
CA LEU A 135 8.83 31.27 -0.61
C LEU A 135 7.38 31.13 -1.07
N ARG A 136 6.57 32.18 -0.87
CA ARG A 136 5.13 32.23 -1.22
C ARG A 136 4.94 33.40 -2.17
N LEU A 137 4.39 33.15 -3.36
CA LEU A 137 4.07 34.18 -4.38
C LEU A 137 2.59 34.17 -4.67
N VAL A 138 2.06 35.32 -5.06
CA VAL A 138 0.83 35.41 -5.87
C VAL A 138 1.24 36.10 -7.15
N ASP A 139 0.82 35.57 -8.31
CA ASP A 139 1.03 36.19 -9.64
C ASP A 139 -0.33 36.69 -10.20
N LEU A 140 -0.37 37.92 -10.69
CA LEU A 140 -1.43 38.32 -11.64
C LEU A 140 -0.96 37.91 -13.04
N VAL A 141 -1.78 37.11 -13.75
CA VAL A 141 -1.48 36.51 -15.08
C VAL A 141 -2.32 37.28 -16.08
N ILE A 142 -1.69 37.91 -17.07
CA ILE A 142 -2.38 38.65 -18.19
C ILE A 142 -1.96 37.93 -19.47
N PRO A 143 -2.70 36.87 -19.86
CA PRO A 143 -2.46 36.12 -21.10
C PRO A 143 -2.43 36.97 -22.37
N VAL A 144 -1.79 36.45 -23.40
CA VAL A 144 -1.37 37.16 -24.65
C VAL A 144 -2.07 36.56 -25.86
N ASN A 145 -2.70 35.40 -25.71
CA ASN A 145 -3.11 34.52 -26.83
C ASN A 145 -4.64 34.36 -26.91
N GLY A 146 -5.30 34.19 -25.77
CA GLY A 146 -6.74 33.97 -25.71
C GLY A 146 -7.18 34.51 -24.37
N PRO A 147 -8.29 35.26 -24.25
CA PRO A 147 -8.64 35.87 -22.97
C PRO A 147 -8.59 34.80 -21.87
N GLY A 148 -7.78 35.01 -20.82
CA GLY A 148 -7.65 34.13 -19.65
C GLY A 148 -6.97 32.79 -19.91
N LYS A 149 -6.53 32.52 -21.15
CA LYS A 149 -5.93 31.23 -21.56
C LYS A 149 -4.52 31.12 -20.99
N PHE A 150 -4.37 30.31 -19.95
CA PHE A 150 -3.07 30.12 -19.28
C PHE A 150 -2.35 29.03 -20.08
N GLU A 151 -1.17 29.36 -20.57
CA GLU A 151 -0.29 28.48 -21.36
C GLU A 151 1.14 28.55 -20.80
N ALA A 152 1.70 27.39 -20.48
CA ALA A 152 3.06 27.28 -19.92
C ALA A 152 3.87 26.27 -20.76
N PHE A 153 5.10 26.61 -21.10
CA PHE A 153 5.97 25.84 -22.00
C PHE A 153 7.20 25.49 -21.21
N ASP A 154 7.43 24.21 -20.97
CA ASP A 154 8.49 23.71 -20.06
C ASP A 154 9.74 23.40 -20.89
N LEU A 155 10.83 24.16 -20.70
CA LEU A 155 12.12 23.94 -21.40
C LEU A 155 12.84 22.74 -20.77
N ALA A 156 12.91 22.68 -19.45
CA ALA A 156 13.54 21.59 -18.67
C ALA A 156 12.77 20.31 -18.89
N LYS A 157 13.24 19.21 -18.30
CA LYS A 157 12.77 17.83 -18.61
C LYS A 157 11.60 17.51 -17.68
N ASN A 158 10.39 17.47 -18.23
CA ASN A 158 9.16 16.98 -17.55
C ASN A 158 8.55 15.96 -18.50
N LYS A 159 7.37 15.44 -18.17
CA LYS A 159 6.51 14.74 -19.15
C LYS A 159 6.38 15.65 -20.36
N ASN A 160 6.34 16.97 -20.11
CA ASN A 160 5.87 18.01 -21.04
C ASN A 160 6.99 18.93 -21.54
N GLN A 161 8.23 18.45 -21.52
CA GLN A 161 9.32 19.24 -22.13
C GLN A 161 8.97 19.44 -23.59
N TYR A 162 8.83 20.69 -24.01
CA TYR A 162 8.33 21.07 -25.34
C TYR A 162 9.32 20.70 -26.46
N LEU A 163 10.62 20.68 -26.21
CA LEU A 163 11.63 20.31 -27.24
C LEU A 163 11.35 18.91 -27.78
N ARG A 164 10.65 18.06 -27.03
CA ARG A 164 10.39 16.65 -27.46
C ARG A 164 9.32 16.62 -28.55
N GLY A 165 8.57 17.71 -28.71
CA GLY A 165 7.48 17.84 -29.69
C GLY A 165 8.01 17.86 -31.12
N PHE A 166 9.27 18.21 -31.32
CA PHE A 166 9.88 18.30 -32.66
C PHE A 166 10.27 16.89 -33.12
N SER A 167 10.00 16.61 -34.39
CA SER A 167 10.35 15.33 -35.05
C SER A 167 11.87 15.13 -34.96
N LYS A 168 12.36 13.89 -34.96
CA LYS A 168 13.82 13.54 -34.97
C LYS A 168 14.57 14.37 -36.03
N ASN A 169 14.03 14.44 -37.25
CA ASN A 169 14.74 15.05 -38.39
C ASN A 169 14.90 16.56 -38.15
N ILE A 170 14.01 17.17 -37.37
CA ILE A 170 14.11 18.64 -37.11
C ILE A 170 15.16 18.88 -36.02
N LEU A 171 15.12 18.12 -34.93
CA LEU A 171 16.10 18.20 -33.82
C LEU A 171 17.51 17.98 -34.35
N GLU A 172 17.72 16.91 -35.11
CA GLU A 172 19.07 16.52 -35.61
C GLU A 172 19.66 17.66 -36.42
N ALA A 173 18.92 18.20 -37.37
CA ALA A 173 19.35 19.40 -38.14
C ALA A 173 19.46 20.60 -37.21
N SER A 174 18.45 20.83 -36.38
CA SER A 174 18.36 22.02 -35.51
C SER A 174 19.64 22.11 -34.67
N TYR A 175 20.00 21.04 -33.96
CA TYR A 175 21.19 21.02 -33.04
C TYR A 175 22.48 20.55 -33.75
N ASN A 176 22.36 20.02 -34.96
CA ASN A 176 23.49 19.43 -35.73
C ASN A 176 24.21 18.41 -34.84
N THR A 177 23.41 17.57 -34.21
CA THR A 177 23.82 16.49 -33.29
C THR A 177 22.94 15.30 -33.60
N ARG A 178 23.48 14.10 -33.41
CA ARG A 178 22.73 12.85 -33.67
C ARG A 178 21.61 12.87 -32.62
N TYR A 179 20.41 12.43 -33.01
CA TYR A 179 19.24 12.41 -32.11
C TYR A 179 19.65 11.74 -30.78
N GLU A 180 20.35 10.61 -30.86
CA GLU A 180 20.62 9.83 -29.63
C GLU A 180 21.30 10.74 -28.60
N THR A 181 22.18 11.63 -29.05
CA THR A 181 22.88 12.53 -28.12
C THR A 181 21.93 13.61 -27.60
N ILE A 182 21.13 14.24 -28.48
CA ILE A 182 20.08 15.23 -28.11
C ILE A 182 19.23 14.58 -27.00
N GLU A 183 18.79 13.33 -27.21
CA GLU A 183 17.99 12.55 -26.23
C GLU A 183 18.72 12.43 -24.89
N LYS A 184 20.03 12.22 -24.89
CA LYS A 184 20.79 11.84 -23.69
C LYS A 184 21.18 13.11 -22.93
N VAL A 185 21.35 14.22 -23.62
CA VAL A 185 21.94 15.46 -23.06
C VAL A 185 20.83 16.45 -22.74
N LEU A 186 19.83 16.60 -23.62
CA LEU A 186 18.76 17.64 -23.47
C LEU A 186 17.41 17.06 -23.02
N LEU A 187 17.02 15.85 -23.43
CA LEU A 187 15.60 15.38 -23.42
C LEU A 187 15.33 14.35 -22.33
N GLU A 188 16.01 13.20 -22.32
CA GLU A 188 15.78 12.16 -21.26
C GLU A 188 16.94 11.16 -21.23
N THR A 203 11.86 13.64 -13.25
CA THR A 203 12.35 14.96 -12.73
C THR A 203 11.17 15.93 -12.71
N ASP A 204 10.92 16.52 -11.54
CA ASP A 204 9.71 17.35 -11.29
C ASP A 204 10.00 18.77 -11.79
N ALA A 205 9.10 19.71 -11.50
CA ALA A 205 9.09 21.08 -12.05
C ALA A 205 9.79 22.03 -11.08
N ILE A 206 9.71 21.70 -9.79
CA ILE A 206 10.46 22.38 -8.72
C ILE A 206 11.32 21.34 -8.03
N VAL A 207 12.64 21.46 -8.16
CA VAL A 207 13.64 20.45 -7.72
C VAL A 207 14.53 21.03 -6.62
N LYS A 208 15.05 20.18 -5.75
CA LYS A 208 16.01 20.60 -4.69
C LYS A 208 17.27 21.15 -5.35
N VAL A 209 17.80 22.23 -4.81
CA VAL A 209 19.15 22.74 -5.18
C VAL A 209 20.05 22.66 -3.92
N SER A 210 21.35 22.50 -4.07
CA SER A 210 22.27 22.29 -2.92
C SER A 210 22.97 23.61 -2.54
N ARG A 211 23.42 23.70 -1.29
CA ARG A 211 24.18 24.85 -0.76
C ARG A 211 25.23 25.26 -1.79
N GLU A 212 25.91 24.32 -2.42
CA GLU A 212 27.03 24.67 -3.32
C GLU A 212 26.46 25.36 -4.58
N GLN A 213 25.34 24.86 -5.09
CA GLN A 213 24.69 25.42 -6.30
C GLN A 213 24.12 26.81 -6.00
N ILE A 214 23.48 26.99 -4.85
CA ILE A 214 22.96 28.32 -4.43
C ILE A 214 24.09 29.34 -4.42
N GLU A 215 25.08 29.11 -3.54
CA GLU A 215 26.30 29.92 -3.38
C GLU A 215 26.91 30.21 -4.74
N GLU A 216 26.96 29.19 -5.59
CA GLU A 216 27.60 29.24 -6.93
C GLU A 216 26.80 30.16 -7.85
N LEU A 217 25.48 30.31 -7.62
CA LEU A 217 24.57 31.25 -8.35
C LEU A 217 24.72 32.65 -7.71
N LYS A 218 25.62 33.47 -8.28
CA LYS A 218 26.20 34.68 -7.61
C LYS A 218 27.58 34.99 -8.22
N PHE A 233 11.94 47.52 -14.90
CA PHE A 233 13.29 47.11 -14.44
C PHE A 233 13.23 46.40 -13.07
N GLU A 234 13.63 47.10 -11.99
CA GLU A 234 13.93 46.53 -10.63
C GLU A 234 12.62 46.24 -9.89
N PRO A 235 12.66 45.35 -8.87
CA PRO A 235 11.53 45.15 -7.96
C PRO A 235 11.13 46.45 -7.27
N ILE A 236 9.83 46.69 -7.14
CA ILE A 236 9.21 47.80 -6.35
C ILE A 236 8.53 47.16 -5.15
N ASN A 237 8.98 47.47 -3.93
CA ASN A 237 8.42 46.90 -2.68
C ASN A 237 7.19 47.72 -2.29
N LEU A 238 6.11 47.08 -1.84
CA LEU A 238 4.85 47.78 -1.42
C LEU A 238 5.13 48.70 -0.23
N ARG A 239 6.19 48.45 0.54
CA ARG A 239 6.39 49.03 1.90
C ARG A 239 7.58 49.99 1.97
N SER A 240 8.53 49.94 1.03
CA SER A 240 9.62 50.94 0.94
C SER A 240 9.01 52.27 0.44
N HIS A 241 7.97 52.72 1.16
CA HIS A 241 7.41 54.09 1.15
C HIS A 241 6.36 54.16 2.25
N LYS A 242 6.05 55.37 2.70
CA LYS A 242 5.11 55.61 3.81
C LYS A 242 3.77 55.04 3.40
N PRO A 243 3.12 54.19 4.23
CA PRO A 243 1.81 53.66 3.86
C PRO A 243 0.81 54.79 3.61
N GLU A 244 -0.11 54.57 2.68
CA GLU A 244 -1.09 55.56 2.21
C GLU A 244 -2.01 55.90 3.38
N TYR A 245 -2.39 54.87 4.15
CA TYR A 245 -3.22 54.95 5.38
C TYR A 245 -2.56 54.11 6.47
N SER A 246 -2.56 54.61 7.69
CA SER A 246 -1.86 53.96 8.84
C SER A 246 -2.44 54.50 10.13
N ASN A 247 -2.67 53.60 11.08
CA ASN A 247 -3.69 53.74 12.14
C ASN A 247 -3.46 52.62 13.14
N LYS A 248 -3.90 52.82 14.37
CA LYS A 248 -3.89 51.81 15.47
C LYS A 248 -4.58 50.53 14.96
N PHE A 249 -5.49 50.68 13.97
CA PHE A 249 -6.48 49.66 13.54
C PHE A 249 -6.07 48.97 12.24
N GLY A 250 -5.40 49.68 11.33
CA GLY A 250 -4.99 49.07 10.05
C GLY A 250 -4.02 49.94 9.30
N LYS A 251 -3.56 49.46 8.16
CA LYS A 251 -2.70 50.22 7.20
C LYS A 251 -3.03 49.73 5.80
N LEU A 252 -2.99 50.61 4.82
CA LEU A 252 -3.03 50.24 3.39
C LEU A 252 -1.80 50.81 2.71
N PHE A 253 -1.03 49.92 2.11
CA PHE A 253 0.14 50.23 1.24
C PHE A 253 -0.31 49.98 -0.19
N GLU A 254 0.16 50.83 -1.10
CA GLU A 254 -0.37 50.93 -2.46
C GLU A 254 0.71 51.49 -3.38
N ILE A 255 0.95 50.82 -4.50
CA ILE A 255 1.68 51.39 -5.66
C ILE A 255 0.68 51.52 -6.78
N THR A 256 0.55 52.71 -7.34
CA THR A 256 -0.49 53.02 -8.34
C THR A 256 0.14 53.55 -9.63
N PRO A 257 -0.63 53.60 -10.73
CA PRO A 257 -0.17 54.25 -11.95
C PRO A 257 0.26 55.71 -11.65
N GLU A 258 1.54 56.00 -11.82
CA GLU A 258 2.10 57.37 -11.92
C GLU A 258 3.37 57.24 -12.75
N LYS A 259 3.81 58.31 -13.42
CA LYS A 259 5.18 58.30 -13.95
C LYS A 259 6.02 58.00 -12.72
N LYS A 260 7.06 57.16 -12.83
CA LYS A 260 7.76 56.56 -11.65
C LYS A 260 7.43 55.06 -11.64
N TYR A 261 6.17 54.73 -11.86
CA TYR A 261 5.73 53.32 -12.01
C TYR A 261 5.23 53.09 -13.43
N PRO A 262 6.08 53.30 -14.48
CA PRO A 262 5.65 53.22 -15.87
C PRO A 262 4.97 51.88 -16.22
N GLN A 263 5.42 50.77 -15.62
CA GLN A 263 4.81 49.44 -15.89
C GLN A 263 3.37 49.39 -15.37
N LEU A 264 3.09 49.94 -14.19
CA LEU A 264 1.71 50.01 -13.62
C LEU A 264 0.84 50.92 -14.50
N GLN A 265 1.37 51.99 -15.08
CA GLN A 265 0.61 52.83 -16.05
C GLN A 265 0.19 51.98 -17.26
N ASP A 266 1.15 51.27 -17.84
CA ASP A 266 1.03 50.54 -19.13
C ASP A 266 0.00 49.43 -18.92
N LEU A 267 0.09 48.70 -17.80
CA LEU A 267 -0.84 47.61 -17.43
C LEU A 267 -2.09 48.21 -16.77
N ASP A 268 -2.02 49.47 -16.38
CA ASP A 268 -3.14 50.24 -15.77
C ASP A 268 -3.63 49.51 -14.51
N LEU A 269 -2.72 49.34 -13.58
CA LEU A 269 -2.81 48.36 -12.50
C LEU A 269 -2.30 48.99 -11.20
N PHE A 270 -2.93 48.73 -10.06
CA PHE A 270 -2.31 48.99 -8.73
C PHE A 270 -2.11 47.65 -8.03
N VAL A 271 -1.15 47.58 -7.13
CA VAL A 271 -0.95 46.44 -6.21
C VAL A 271 -1.09 47.06 -4.84
N SER A 272 -2.05 46.64 -4.04
CA SER A 272 -2.24 47.10 -2.65
C SER A 272 -1.89 45.97 -1.69
N CYS A 273 -1.37 46.33 -0.53
CA CYS A 273 -1.32 45.48 0.69
C CYS A 273 -2.25 46.14 1.72
N VAL A 274 -3.29 45.44 2.17
CA VAL A 274 -4.18 45.95 3.25
C VAL A 274 -4.03 45.07 4.49
N GLU A 275 -3.68 45.68 5.61
CA GLU A 275 -3.59 45.05 6.96
C GLU A 275 -4.77 45.53 7.80
N ILE A 276 -5.56 44.61 8.36
CA ILE A 276 -6.64 44.94 9.33
C ILE A 276 -6.32 44.13 10.59
N ASN A 277 -6.23 44.82 11.72
CA ASN A 277 -5.81 44.22 13.01
C ASN A 277 -7.01 43.46 13.56
N GLU A 278 -6.79 42.36 14.26
CA GLU A 278 -7.84 41.75 15.12
C GLU A 278 -8.76 42.86 15.63
N GLY A 279 -10.06 42.74 15.40
CA GLY A 279 -11.08 43.56 16.07
C GLY A 279 -11.23 44.91 15.41
N ALA A 280 -10.53 45.13 14.32
CA ALA A 280 -10.64 46.38 13.55
C ALA A 280 -11.50 46.13 12.30
N LEU A 281 -11.86 47.24 11.69
CA LEU A 281 -12.81 47.35 10.57
C LEU A 281 -12.10 48.21 9.55
N MET A 282 -12.13 47.82 8.29
CA MET A 282 -11.79 48.81 7.23
C MET A 282 -13.08 49.56 6.95
N LEU A 283 -13.13 50.84 7.27
CA LEU A 283 -14.37 51.64 7.19
C LEU A 283 -14.99 51.56 5.80
N PRO A 284 -16.33 51.61 5.71
CA PRO A 284 -17.01 51.50 4.43
C PRO A 284 -16.38 52.47 3.41
N HIS A 285 -16.20 52.01 2.19
CA HIS A 285 -15.78 52.84 1.03
C HIS A 285 -16.06 52.15 -0.30
N TYR A 286 -15.98 52.91 -1.38
CA TYR A 286 -15.95 52.34 -2.75
C TYR A 286 -14.72 52.90 -3.46
N ASN A 287 -14.18 52.15 -4.43
CA ASN A 287 -13.17 52.63 -5.39
C ASN A 287 -13.92 53.27 -6.56
N SER A 288 -13.56 54.50 -6.98
CA SER A 288 -14.23 55.25 -8.08
C SER A 288 -14.11 54.46 -9.39
N ARG A 289 -12.92 53.97 -9.72
CA ARG A 289 -12.61 53.43 -11.06
C ARG A 289 -12.21 51.96 -11.01
N ALA A 290 -11.48 51.55 -9.97
CA ALA A 290 -10.73 50.28 -9.99
C ALA A 290 -11.64 49.10 -9.67
N ILE A 291 -11.32 47.97 -10.26
CA ILE A 291 -11.93 46.67 -9.95
C ILE A 291 -10.88 45.94 -9.16
N VAL A 292 -11.13 45.57 -7.91
CA VAL A 292 -10.06 45.12 -6.97
C VAL A 292 -10.20 43.61 -6.86
N VAL A 293 -9.18 42.86 -7.28
CA VAL A 293 -9.03 41.41 -6.96
C VAL A 293 -8.27 41.28 -5.64
N LEU A 294 -9.00 40.96 -4.60
CA LEU A 294 -8.53 40.89 -3.20
C LEU A 294 -8.19 39.44 -2.87
N LEU A 295 -6.91 39.10 -2.68
CA LEU A 295 -6.50 37.77 -2.19
C LEU A 295 -6.25 37.88 -0.70
N VAL A 296 -6.86 37.00 0.09
CA VAL A 296 -6.58 36.87 1.56
C VAL A 296 -5.25 36.14 1.73
N ASN A 297 -4.18 36.86 2.06
CA ASN A 297 -2.80 36.35 2.22
C ASN A 297 -2.66 35.64 3.59
N GLU A 298 -3.03 36.29 4.70
CA GLU A 298 -3.20 35.61 6.02
C GLU A 298 -4.39 36.17 6.81
N GLY A 299 -4.88 35.37 7.75
CA GLY A 299 -5.86 35.79 8.76
C GLY A 299 -7.25 35.46 8.32
N LYS A 300 -8.22 35.68 9.21
CA LYS A 300 -9.67 35.47 8.95
C LYS A 300 -10.41 36.79 9.18
N GLY A 301 -11.57 36.93 8.55
CA GLY A 301 -12.46 38.08 8.75
C GLY A 301 -13.73 37.97 7.93
N ASN A 302 -14.48 39.05 7.81
CA ASN A 302 -15.80 39.03 7.14
C ASN A 302 -15.92 40.30 6.31
N LEU A 303 -16.70 40.22 5.25
CA LEU A 303 -16.72 41.27 4.23
C LEU A 303 -18.18 41.48 3.83
N GLU A 304 -18.61 42.74 3.83
CA GLU A 304 -19.94 43.16 3.32
C GLU A 304 -19.67 43.93 2.03
N LEU A 305 -20.00 43.31 0.91
CA LEU A 305 -19.83 43.97 -0.40
C LEU A 305 -21.25 44.26 -0.84
N LEU A 306 -21.58 45.53 -1.02
CA LEU A 306 -22.90 46.00 -1.50
C LEU A 306 -22.83 46.08 -3.01
N GLY A 307 -23.71 45.35 -3.68
CA GLY A 307 -24.02 45.58 -5.10
C GLY A 307 -25.51 45.58 -5.29
N LEU A 308 -25.91 45.20 -6.50
CA LEU A 308 -27.30 45.13 -7.00
C LEU A 308 -27.73 43.66 -7.07
N LYS A 309 -28.99 43.34 -7.38
CA LYS A 309 -29.39 41.94 -7.65
C LYS A 309 -29.01 41.59 -9.09
N ASN A 310 -28.08 40.61 -9.19
CA ASN A 310 -27.09 40.34 -10.29
C ASN A 310 -26.04 39.35 -9.77
N ASN A 323 -33.02 47.98 -9.65
CA ASN A 323 -32.13 48.94 -8.91
C ASN A 323 -31.85 48.60 -7.42
N GLU A 324 -32.60 47.67 -6.79
CA GLU A 324 -32.44 47.19 -5.38
C GLU A 324 -30.98 46.90 -5.00
N VAL A 325 -30.64 46.99 -3.72
CA VAL A 325 -29.26 46.83 -3.20
C VAL A 325 -29.19 45.50 -2.48
N GLN A 326 -28.17 44.68 -2.76
CA GLN A 326 -27.94 43.39 -2.09
C GLN A 326 -26.63 43.52 -1.35
N ARG A 327 -26.63 43.08 -0.10
CA ARG A 327 -25.41 42.95 0.71
C ARG A 327 -24.91 41.57 0.37
N TYR A 328 -23.66 41.44 -0.06
CA TYR A 328 -22.99 40.16 -0.38
C TYR A 328 -21.97 39.85 0.68
N GLU A 329 -22.24 38.79 1.45
CA GLU A 329 -21.46 38.43 2.65
C GLU A 329 -20.43 37.38 2.26
N ALA A 330 -19.24 37.40 2.87
CA ALA A 330 -18.20 36.35 2.73
C ALA A 330 -17.38 36.19 4.02
N ARG A 331 -17.34 34.98 4.59
CA ARG A 331 -16.31 34.60 5.59
C ARG A 331 -15.02 34.75 4.78
N LEU A 332 -13.91 35.17 5.38
CA LEU A 332 -12.66 35.39 4.62
C LEU A 332 -11.60 34.51 5.27
N SER A 333 -10.75 33.92 4.44
CA SER A 333 -9.76 32.89 4.85
C SER A 333 -8.57 32.87 3.90
N PRO A 334 -7.42 32.41 4.41
CA PRO A 334 -6.21 32.34 3.60
C PRO A 334 -6.47 31.65 2.26
N GLY A 335 -6.13 32.34 1.18
CA GLY A 335 -6.22 31.81 -0.19
C GLY A 335 -7.54 32.16 -0.86
N ASP A 336 -8.48 32.79 -0.15
CA ASP A 336 -9.78 33.23 -0.70
C ASP A 336 -9.61 34.50 -1.50
N VAL A 337 -10.39 34.64 -2.56
CA VAL A 337 -10.39 35.81 -3.49
C VAL A 337 -11.77 36.47 -3.52
N VAL A 338 -11.85 37.79 -3.40
CA VAL A 338 -13.12 38.54 -3.59
C VAL A 338 -12.87 39.60 -4.66
N ILE A 339 -13.76 39.71 -5.66
CA ILE A 339 -13.79 40.81 -6.66
C ILE A 339 -14.63 41.93 -6.05
N ILE A 340 -14.10 43.14 -6.00
CA ILE A 340 -14.88 44.33 -5.60
C ILE A 340 -14.93 45.17 -6.87
N PRO A 341 -16.04 45.11 -7.61
CA PRO A 341 -16.21 45.90 -8.83
C PRO A 341 -16.24 47.39 -8.50
N ALA A 342 -15.87 48.20 -9.46
CA ALA A 342 -15.79 49.66 -9.25
C ALA A 342 -17.11 50.13 -8.64
N GLY A 343 -17.02 51.04 -7.68
CA GLY A 343 -18.19 51.80 -7.21
C GLY A 343 -19.00 50.99 -6.22
N HIS A 344 -18.59 49.74 -5.93
CA HIS A 344 -19.33 48.85 -5.00
C HIS A 344 -18.83 49.08 -3.58
N PRO A 345 -19.68 49.66 -2.70
CA PRO A 345 -19.30 49.93 -1.30
C PRO A 345 -18.88 48.64 -0.62
N VAL A 346 -17.87 48.67 0.24
CA VAL A 346 -17.31 47.43 0.86
C VAL A 346 -16.89 47.76 2.29
N ALA A 347 -17.14 46.85 3.21
CA ALA A 347 -16.67 46.96 4.61
C ALA A 347 -16.06 45.62 4.97
N ILE A 348 -14.97 45.64 5.74
CA ILE A 348 -14.10 44.46 5.99
C ILE A 348 -13.73 44.46 7.46
N THR A 349 -13.93 43.33 8.15
CA THR A 349 -13.57 43.15 9.57
C THR A 349 -12.66 41.94 9.71
N ALA A 350 -11.66 42.08 10.55
CA ALA A 350 -10.67 41.03 10.89
C ALA A 350 -11.07 40.46 12.24
N SER A 351 -11.12 39.13 12.30
CA SER A 351 -11.28 38.31 13.53
C SER A 351 -9.90 37.78 13.97
N SER A 352 -8.94 37.66 13.05
CA SER A 352 -7.50 37.70 13.39
C SER A 352 -6.82 38.74 12.52
N ASN A 353 -5.59 39.16 12.83
CA ASN A 353 -4.78 40.01 11.93
C ASN A 353 -4.99 39.54 10.49
N LEU A 354 -5.60 40.41 9.70
CA LEU A 354 -5.94 40.15 8.29
C LEU A 354 -4.95 40.90 7.38
N ASN A 355 -4.27 40.17 6.48
CA ASN A 355 -3.34 40.70 5.44
C ASN A 355 -3.94 40.38 4.06
N LEU A 356 -4.41 41.42 3.37
CA LEU A 356 -5.01 41.31 2.02
C LEU A 356 -3.99 41.83 1.02
N LEU A 357 -3.87 41.16 -0.13
CA LEU A 357 -3.21 41.66 -1.35
C LEU A 357 -4.29 42.02 -2.35
N GLY A 358 -4.25 43.22 -2.92
CA GLY A 358 -5.25 43.64 -3.90
C GLY A 358 -4.57 43.94 -5.20
N PHE A 359 -5.04 43.36 -6.31
CA PHE A 359 -4.69 43.83 -7.67
C PHE A 359 -5.85 44.68 -8.20
N GLY A 360 -5.58 45.95 -8.48
CA GLY A 360 -6.59 46.93 -8.91
C GLY A 360 -6.56 47.09 -10.42
N ILE A 361 -7.51 46.48 -11.11
CA ILE A 361 -7.63 46.54 -12.60
C ILE A 361 -8.26 47.91 -12.95
N ASN A 362 -7.92 48.52 -14.06
CA ASN A 362 -8.48 49.86 -14.42
C ASN A 362 -8.17 50.86 -13.29
N ALA A 363 -6.90 51.03 -12.93
CA ALA A 363 -6.44 51.70 -11.67
C ALA A 363 -6.30 53.22 -11.84
N GLU A 364 -6.04 53.70 -13.05
CA GLU A 364 -5.68 55.11 -13.27
C GLU A 364 -6.77 55.97 -12.64
N ASN A 365 -6.40 56.86 -11.70
CA ASN A 365 -7.29 57.89 -11.10
C ASN A 365 -8.29 57.23 -10.18
N ASN A 366 -8.12 55.96 -9.89
CA ASN A 366 -8.96 55.32 -8.86
C ASN A 366 -8.88 56.24 -7.63
N GLU A 367 -9.79 56.07 -6.67
CA GLU A 367 -10.09 57.09 -5.63
C GLU A 367 -10.97 56.41 -4.57
N ARG A 368 -10.42 56.07 -3.42
CA ARG A 368 -11.21 55.49 -2.30
C ARG A 368 -12.07 56.57 -1.64
N ASN A 369 -13.37 56.50 -1.88
CA ASN A 369 -14.43 57.31 -1.24
C ASN A 369 -14.90 56.59 0.03
N PHE A 370 -14.48 57.04 1.21
CA PHE A 370 -15.02 56.52 2.49
C PHE A 370 -16.38 57.18 2.74
N LEU A 371 -17.20 56.46 3.50
CA LEU A 371 -18.57 56.89 3.87
C LEU A 371 -18.67 57.10 5.38
N SER A 372 -17.53 57.10 6.08
CA SER A 372 -17.46 57.39 7.53
C SER A 372 -16.01 57.73 7.92
N GLY A 373 -15.79 58.46 9.02
CA GLY A 373 -14.43 58.80 9.47
C GLY A 373 -14.08 60.17 8.96
N SER A 374 -12.93 60.75 9.31
CA SER A 374 -12.67 62.19 9.03
C SER A 374 -12.08 62.36 7.61
N ASP A 375 -11.07 61.58 7.23
CA ASP A 375 -10.46 61.71 5.88
C ASP A 375 -11.20 60.87 4.84
N ASP A 376 -11.22 61.38 3.61
CA ASP A 376 -11.49 60.58 2.40
C ASP A 376 -12.95 60.21 2.46
N ASN A 377 -13.69 61.04 3.15
CA ASN A 377 -15.12 60.85 3.47
C ASN A 377 -15.94 61.72 2.50
N VAL A 378 -16.47 61.09 1.48
CA VAL A 378 -17.18 61.86 0.42
C VAL A 378 -18.43 62.51 1.00
N ILE A 379 -19.04 61.95 2.06
CA ILE A 379 -20.29 62.54 2.66
C ILE A 379 -20.00 63.96 3.20
N SER A 380 -18.91 64.15 3.96
CA SER A 380 -18.37 65.47 4.37
C SER A 380 -18.46 66.49 3.23
N GLN A 381 -18.14 66.10 2.01
CA GLN A 381 -18.03 67.03 0.84
C GLN A 381 -19.40 67.50 0.38
N ILE A 382 -20.49 66.89 0.83
CA ILE A 382 -21.84 67.35 0.40
C ILE A 382 -22.08 68.72 1.06
N GLU A 383 -22.35 69.76 0.28
CA GLU A 383 -22.68 71.12 0.82
C GLU A 383 -23.86 70.95 1.78
N ASN A 384 -23.92 71.76 2.84
CA ASN A 384 -24.91 71.59 3.95
C ASN A 384 -26.35 71.61 3.44
N PRO A 385 -26.79 72.64 2.68
CA PRO A 385 -28.18 72.68 2.23
C PRO A 385 -28.56 71.41 1.45
N VAL A 386 -27.60 70.76 0.77
CA VAL A 386 -27.89 69.50 0.03
C VAL A 386 -27.87 68.34 1.03
N LYS A 387 -27.00 68.39 2.04
CA LYS A 387 -27.02 67.44 3.18
C LYS A 387 -28.42 67.38 3.78
N GLU A 388 -29.07 68.55 3.98
CA GLU A 388 -30.42 68.69 4.58
C GLU A 388 -31.38 67.82 3.74
N LEU A 389 -31.26 67.92 2.42
CA LEU A 389 -32.20 67.32 1.43
C LEU A 389 -31.88 65.85 1.16
N THR A 390 -30.61 65.44 1.27
CA THR A 390 -30.18 64.04 0.97
C THR A 390 -30.44 63.11 2.16
N PHE A 391 -30.36 63.58 3.41
CA PHE A 391 -30.60 62.74 4.61
C PHE A 391 -31.72 63.31 5.48
N PRO A 392 -32.40 62.43 6.25
CA PRO A 392 -33.62 62.81 6.96
C PRO A 392 -33.32 63.79 8.10
N GLY A 393 -32.11 63.74 8.65
CA GLY A 393 -31.73 64.57 9.79
C GLY A 393 -31.46 66.00 9.37
N SER A 394 -31.29 66.89 10.34
CA SER A 394 -30.92 68.31 10.17
C SER A 394 -29.44 68.35 9.78
N VAL A 395 -28.98 69.47 9.27
CA VAL A 395 -27.54 69.72 8.99
C VAL A 395 -26.73 69.40 10.26
N GLN A 396 -27.23 69.83 11.42
CA GLN A 396 -26.46 69.84 12.68
C GLN A 396 -26.35 68.39 13.18
N GLU A 397 -27.49 67.65 13.16
CA GLU A 397 -27.54 66.20 13.49
C GLU A 397 -26.62 65.40 12.53
N ILE A 398 -26.54 65.77 11.24
CA ILE A 398 -25.75 65.01 10.22
C ILE A 398 -24.25 65.27 10.41
N ASN A 399 -23.85 66.54 10.45
CA ASN A 399 -22.44 66.94 10.67
C ASN A 399 -21.92 66.40 12.00
N ARG A 400 -22.78 66.35 13.02
CA ARG A 400 -22.42 65.82 14.36
C ARG A 400 -22.21 64.31 14.27
N LEU A 401 -23.14 63.61 13.60
CA LEU A 401 -23.08 62.13 13.49
C LEU A 401 -21.78 61.75 12.81
N ILE A 402 -21.39 62.54 11.81
CA ILE A 402 -20.21 62.24 10.95
C ILE A 402 -18.93 62.52 11.70
N LYS A 403 -19.03 63.26 12.81
CA LYS A 403 -17.86 63.66 13.64
C LYS A 403 -17.64 62.60 14.71
N ASN A 404 -18.63 61.74 14.95
CA ASN A 404 -18.56 60.71 16.02
C ASN A 404 -17.47 59.66 15.72
N GLN A 405 -17.18 59.44 14.44
CA GLN A 405 -16.09 58.53 14.01
C GLN A 405 -14.84 59.38 13.81
N LYS A 406 -13.97 59.41 14.82
CA LYS A 406 -12.74 60.24 14.85
C LYS A 406 -11.70 59.58 13.93
N GLN A 407 -11.76 58.26 13.80
CA GLN A 407 -10.73 57.50 13.05
C GLN A 407 -10.94 57.70 11.55
N SER A 408 -9.94 57.34 10.77
CA SER A 408 -10.01 57.41 9.30
C SER A 408 -9.62 56.05 8.73
N HIS A 409 -10.35 55.62 7.70
CA HIS A 409 -10.03 54.43 6.88
C HIS A 409 -10.24 53.14 7.66
N PHE A 410 -9.63 53.04 8.84
CA PHE A 410 -9.74 51.86 9.74
C PHE A 410 -10.21 52.32 11.12
N ALA A 411 -10.71 51.40 11.92
CA ALA A 411 -11.43 51.68 13.17
C ALA A 411 -11.77 50.39 13.89
N ASN A 412 -12.14 50.51 15.15
CA ASN A 412 -12.55 49.38 16.01
C ASN A 412 -13.93 48.92 15.53
N ALA A 413 -14.22 47.61 15.59
CA ALA A 413 -15.26 46.88 14.81
C ALA A 413 -16.59 46.76 15.58
N ASN B 25 12.92 -29.09 19.41
CA ASN B 25 14.07 -29.38 18.44
C ASN B 25 15.06 -28.21 18.48
N PRO B 26 16.15 -28.31 19.26
CA PRO B 26 17.03 -27.16 19.45
C PRO B 26 18.01 -26.99 18.28
N PHE B 27 17.96 -27.86 17.28
CA PHE B 27 18.78 -27.73 16.04
C PHE B 27 18.08 -26.78 15.08
N LEU B 28 16.82 -26.41 15.35
CA LEU B 28 16.01 -25.66 14.37
C LEU B 28 15.91 -24.18 14.80
N PHE B 29 16.52 -23.31 14.02
CA PHE B 29 16.32 -21.85 14.12
C PHE B 29 15.36 -21.46 12.98
N LYS B 30 14.08 -21.34 13.32
CA LYS B 30 13.04 -20.98 12.31
C LYS B 30 13.28 -19.54 11.89
N SER B 31 12.80 -19.18 10.69
CA SER B 31 13.00 -17.85 10.05
C SER B 31 12.64 -16.70 11.00
N ASN B 32 11.66 -16.87 11.89
CA ASN B 32 11.16 -15.78 12.76
C ASN B 32 12.14 -15.52 13.94
N LYS B 33 13.15 -16.37 14.18
CA LYS B 33 14.20 -16.15 15.22
C LYS B 33 15.28 -15.18 14.71
N PHE B 34 15.18 -14.73 13.46
CA PHE B 34 15.93 -13.56 12.96
C PHE B 34 15.31 -12.29 13.58
N LEU B 35 16.10 -11.49 14.30
CA LEU B 35 15.75 -10.11 14.72
C LEU B 35 16.08 -9.20 13.53
N THR B 36 15.26 -8.16 13.30
CA THR B 36 15.43 -7.16 12.20
C THR B 36 16.30 -6.01 12.71
N LEU B 37 17.46 -5.77 12.09
CA LEU B 37 18.44 -4.73 12.49
C LEU B 37 18.03 -3.37 11.88
N PHE B 38 18.04 -3.27 10.55
CA PHE B 38 17.66 -2.05 9.79
C PHE B 38 16.73 -2.47 8.64
N GLU B 39 15.41 -2.33 8.85
CA GLU B 39 14.36 -2.36 7.80
C GLU B 39 13.77 -0.96 7.59
N ASN B 40 14.18 -0.27 6.52
CA ASN B 40 13.43 0.86 5.90
C ASN B 40 12.62 0.22 4.74
N GLU B 41 12.58 0.77 3.53
CA GLU B 41 11.73 0.20 2.45
C GLU B 41 12.54 -0.01 1.16
N ASN B 42 13.87 0.12 1.20
CA ASN B 42 14.76 -0.26 0.07
C ASN B 42 15.57 -1.51 0.45
N GLY B 43 15.37 -1.99 1.67
CA GLY B 43 16.36 -2.85 2.35
C GLY B 43 15.84 -3.45 3.64
N HIS B 44 16.54 -4.53 4.05
CA HIS B 44 16.21 -5.52 5.10
C HIS B 44 17.57 -6.02 5.61
N ILE B 45 17.88 -5.89 6.90
CA ILE B 45 19.08 -6.55 7.53
C ILE B 45 18.61 -7.25 8.80
N ARG B 46 18.74 -8.58 8.82
CA ARG B 46 18.24 -9.43 9.91
C ARG B 46 19.42 -10.18 10.55
N LEU B 47 19.42 -10.24 11.87
CA LEU B 47 20.42 -10.95 12.71
C LEU B 47 19.76 -12.16 13.35
N LEU B 48 20.29 -13.36 13.11
CA LEU B 48 19.85 -14.59 13.81
C LEU B 48 20.36 -14.51 15.25
N GLN B 49 19.46 -14.75 16.21
CA GLN B 49 19.82 -14.88 17.66
C GLN B 49 21.09 -15.71 17.75
N ARG B 50 21.97 -15.36 18.69
CA ARG B 50 23.11 -16.20 19.17
C ARG B 50 22.62 -17.66 19.28
N PHE B 51 23.39 -18.59 18.76
CA PHE B 51 22.99 -20.01 18.76
C PHE B 51 22.84 -20.46 20.21
N ASP B 52 23.52 -19.80 21.14
CA ASP B 52 23.73 -20.32 22.52
C ASP B 52 22.84 -19.60 23.57
N LYS B 53 21.92 -18.72 23.18
CA LYS B 53 20.85 -18.21 24.09
C LYS B 53 19.91 -19.37 24.39
N ARG B 54 19.80 -20.31 23.46
CA ARG B 54 18.88 -21.48 23.53
C ARG B 54 19.31 -22.42 24.65
N SER B 55 20.58 -22.86 24.63
CA SER B 55 21.15 -23.90 25.53
C SER B 55 22.67 -23.98 25.43
N ASP B 56 23.26 -24.86 26.24
CA ASP B 56 24.73 -25.14 26.34
C ASP B 56 25.27 -25.77 25.06
N LEU B 57 24.53 -26.67 24.40
CA LEU B 57 24.81 -27.11 23.01
C LEU B 57 25.29 -25.89 22.24
N PHE B 58 26.12 -26.06 21.24
CA PHE B 58 26.59 -24.92 20.42
C PHE B 58 27.33 -23.87 21.28
N GLU B 59 27.74 -24.17 22.52
CA GLU B 59 28.78 -23.37 23.19
C GLU B 59 29.90 -23.14 22.16
N ASN B 60 30.17 -24.12 21.31
CA ASN B 60 31.26 -24.06 20.30
C ASN B 60 30.89 -23.24 19.07
N LEU B 61 29.66 -22.76 18.99
CA LEU B 61 29.21 -21.84 17.92
C LEU B 61 28.91 -20.46 18.54
N GLN B 62 29.28 -20.21 19.79
CA GLN B 62 29.01 -18.92 20.49
C GLN B 62 29.57 -17.75 19.68
N ASN B 63 30.72 -17.93 19.02
CA ASN B 63 31.33 -16.83 18.24
C ASN B 63 30.90 -16.86 16.76
N TYR B 64 29.75 -17.43 16.42
CA TYR B 64 29.27 -17.41 15.00
C TYR B 64 27.88 -16.77 14.97
N ARG B 65 27.66 -15.79 14.08
CA ARG B 65 26.33 -15.22 13.83
C ARG B 65 26.02 -15.18 12.34
N LEU B 66 24.72 -15.20 12.05
CA LEU B 66 24.18 -15.16 10.67
C LEU B 66 23.40 -13.85 10.51
N VAL B 67 23.78 -13.09 9.48
CA VAL B 67 23.07 -11.85 9.04
C VAL B 67 22.50 -12.18 7.65
N GLU B 68 21.20 -11.96 7.47
CA GLU B 68 20.52 -12.02 6.15
C GLU B 68 20.38 -10.54 5.70
N TYR B 69 20.79 -10.22 4.46
CA TYR B 69 20.72 -8.85 3.91
C TYR B 69 19.96 -8.87 2.58
N ARG B 70 18.91 -8.06 2.52
CA ARG B 70 18.08 -7.87 1.31
C ARG B 70 17.98 -6.37 0.98
N ALA B 71 18.31 -6.00 -0.26
CA ALA B 71 18.18 -4.63 -0.79
C ALA B 71 17.57 -4.66 -2.20
N LYS B 72 16.51 -3.86 -2.43
CA LYS B 72 15.85 -3.63 -3.77
C LYS B 72 16.87 -3.05 -4.76
N PRO B 73 16.55 -2.88 -6.05
CA PRO B 73 17.56 -2.38 -7.00
C PRO B 73 17.76 -0.86 -6.85
N HIS B 74 18.90 -0.36 -7.35
CA HIS B 74 19.33 1.04 -7.18
C HIS B 74 19.36 1.41 -5.68
N THR B 75 20.00 0.59 -4.85
CA THR B 75 20.21 0.84 -3.39
C THR B 75 21.71 0.78 -3.08
N ILE B 76 22.15 1.56 -2.09
CA ILE B 76 23.51 1.40 -1.49
C ILE B 76 23.35 1.20 0.01
N PHE B 77 24.16 0.28 0.52
CA PHE B 77 24.52 0.10 1.95
C PHE B 77 25.69 1.05 2.21
N LEU B 78 25.43 2.13 2.97
CA LEU B 78 26.40 3.24 3.16
C LEU B 78 27.61 2.82 4.00
N PRO B 79 28.80 3.38 3.68
CA PRO B 79 30.05 3.10 4.39
C PRO B 79 29.88 2.85 5.89
N GLN B 80 30.38 1.68 6.33
CA GLN B 80 30.33 1.10 7.70
C GLN B 80 31.53 0.17 7.85
N HIS B 81 31.93 -0.15 9.09
CA HIS B 81 32.84 -1.27 9.39
C HIS B 81 32.26 -2.02 10.57
N ILE B 82 32.50 -3.34 10.64
CA ILE B 82 32.01 -4.22 11.75
C ILE B 82 33.23 -4.66 12.55
N ASP B 83 33.11 -4.88 13.86
CA ASP B 83 34.21 -5.41 14.73
C ASP B 83 34.18 -6.96 14.69
N ALA B 84 34.40 -7.54 13.49
CA ALA B 84 33.98 -8.91 13.13
C ALA B 84 34.27 -9.24 11.66
N ASP B 85 34.88 -10.39 11.43
CA ASP B 85 35.13 -10.98 10.10
C ASP B 85 33.78 -11.42 9.52
N LEU B 86 33.62 -11.27 8.20
CA LEU B 86 32.41 -11.62 7.43
C LEU B 86 32.80 -12.56 6.28
N ILE B 87 32.14 -13.73 6.19
CA ILE B 87 32.09 -14.50 4.92
C ILE B 87 30.72 -14.19 4.34
N LEU B 88 30.80 -13.52 3.21
CA LEU B 88 29.65 -12.93 2.51
C LEU B 88 29.34 -13.93 1.39
N VAL B 89 28.12 -14.45 1.38
CA VAL B 89 27.63 -15.36 0.33
C VAL B 89 26.40 -14.72 -0.29
N VAL B 90 26.33 -14.67 -1.62
CA VAL B 90 25.15 -14.15 -2.38
C VAL B 90 24.17 -15.28 -2.72
N LEU B 91 22.95 -15.23 -2.20
CA LEU B 91 21.87 -16.18 -2.59
C LEU B 91 21.23 -15.81 -3.96
N SER B 92 20.87 -14.53 -4.15
CA SER B 92 20.28 -14.00 -5.41
C SER B 92 20.56 -12.49 -5.58
N GLY B 93 20.80 -12.06 -6.82
CA GLY B 93 21.06 -10.67 -7.23
C GLY B 93 22.48 -10.53 -7.78
N LYS B 94 22.76 -9.32 -8.28
CA LYS B 94 24.11 -8.79 -8.63
C LYS B 94 24.44 -7.71 -7.60
N ALA B 95 25.71 -7.30 -7.47
CA ALA B 95 26.13 -6.12 -6.67
C ALA B 95 27.56 -5.71 -6.99
N ILE B 96 27.90 -4.45 -6.66
CA ILE B 96 29.32 -4.03 -6.47
C ILE B 96 29.52 -3.77 -4.98
N LEU B 97 30.46 -4.56 -4.44
CA LEU B 97 30.95 -4.55 -3.05
C LEU B 97 32.23 -3.72 -3.09
N THR B 98 32.30 -2.61 -2.35
CA THR B 98 33.51 -1.74 -2.35
C THR B 98 34.16 -1.82 -0.98
N VAL B 99 35.44 -2.14 -0.98
CA VAL B 99 36.19 -2.52 0.24
C VAL B 99 37.37 -1.55 0.37
N LEU B 100 37.46 -0.85 1.52
CA LEU B 100 38.48 0.21 1.79
C LEU B 100 39.58 -0.29 2.72
N SER B 101 40.82 0.04 2.37
CA SER B 101 42.01 0.07 3.26
C SER B 101 42.32 1.52 3.61
N PRO B 102 43.09 1.79 4.68
CA PRO B 102 43.52 3.16 4.96
C PRO B 102 44.16 3.92 3.77
N ASN B 103 44.69 3.22 2.77
CA ASN B 103 45.41 3.83 1.62
C ASN B 103 45.07 3.10 0.32
N ASP B 104 43.91 2.48 0.19
CA ASP B 104 43.57 1.84 -1.10
C ASP B 104 42.07 1.56 -1.20
N ARG B 105 41.61 1.40 -2.44
CA ARG B 105 40.22 0.97 -2.72
C ARG B 105 40.23 -0.21 -3.70
N ASN B 106 39.22 -1.06 -3.55
CA ASN B 106 39.10 -2.39 -4.19
C ASN B 106 37.60 -2.69 -4.26
N SER B 107 37.09 -3.04 -5.43
CA SER B 107 35.68 -3.46 -5.56
C SER B 107 35.57 -4.71 -6.43
N TYR B 108 34.42 -5.37 -6.27
CA TYR B 108 34.15 -6.76 -6.70
C TYR B 108 32.74 -6.79 -7.28
N ASN B 109 32.62 -7.25 -8.52
CA ASN B 109 31.32 -7.63 -9.13
C ASN B 109 30.86 -8.92 -8.47
N LEU B 110 29.71 -8.89 -7.80
CA LEU B 110 29.19 -10.10 -7.13
C LEU B 110 27.94 -10.61 -7.89
N GLU B 111 28.01 -11.86 -8.42
CA GLU B 111 26.88 -12.69 -8.98
C GLU B 111 26.21 -13.51 -7.86
N ARG B 112 25.23 -14.35 -8.18
CA ARG B 112 24.76 -15.39 -7.23
C ARG B 112 25.86 -16.45 -7.07
N GLY B 113 25.99 -16.98 -5.85
CA GLY B 113 26.95 -18.04 -5.48
C GLY B 113 28.35 -17.49 -5.19
N ASP B 114 28.53 -16.16 -5.23
CA ASP B 114 29.84 -15.56 -4.93
C ASP B 114 30.04 -15.52 -3.41
N THR B 115 31.28 -15.80 -3.03
CA THR B 115 31.83 -15.83 -1.66
C THR B 115 33.00 -14.87 -1.59
N ILE B 116 33.11 -14.16 -0.47
CA ILE B 116 34.29 -13.30 -0.22
C ILE B 116 34.42 -13.07 1.29
N LYS B 117 35.67 -13.02 1.75
CA LYS B 117 35.99 -12.62 3.15
C LYS B 117 36.07 -11.09 3.20
N LEU B 118 35.20 -10.48 4.00
CA LEU B 118 35.16 -9.06 4.40
C LEU B 118 35.78 -8.99 5.80
N PRO B 119 37.11 -8.75 5.92
CA PRO B 119 37.76 -8.74 7.23
C PRO B 119 37.25 -7.65 8.18
N ALA B 120 37.19 -7.94 9.48
CA ALA B 120 36.98 -6.97 10.58
C ALA B 120 37.57 -5.58 10.23
N GLY B 121 36.88 -4.54 10.68
CA GLY B 121 37.27 -3.12 10.58
C GLY B 121 37.63 -2.73 9.16
N THR B 122 36.91 -3.28 8.18
CA THR B 122 37.00 -2.92 6.75
C THR B 122 35.80 -2.06 6.43
N THR B 123 35.97 -0.74 6.38
CA THR B 123 35.00 0.23 5.79
C THR B 123 34.61 -0.25 4.38
N SER B 124 33.31 -0.45 4.16
CA SER B 124 32.79 -0.99 2.89
C SER B 124 31.38 -0.48 2.62
N TYR B 125 31.04 -0.44 1.32
CA TYR B 125 29.68 -0.12 0.87
C TYR B 125 29.31 -1.11 -0.24
N LEU B 126 27.99 -1.32 -0.39
CA LEU B 126 27.38 -2.40 -1.22
C LEU B 126 26.33 -1.80 -2.17
N VAL B 127 26.61 -1.79 -3.46
CA VAL B 127 25.60 -1.29 -4.44
C VAL B 127 24.97 -2.48 -5.17
N ASN B 128 23.66 -2.63 -4.99
CA ASN B 128 22.73 -3.28 -5.94
C ASN B 128 22.61 -2.45 -7.22
N GLN B 129 23.34 -2.79 -8.28
CA GLN B 129 23.29 -1.99 -9.54
C GLN B 129 22.30 -2.65 -10.54
N ASP B 130 21.63 -3.75 -10.17
CA ASP B 130 20.63 -4.40 -11.06
C ASP B 130 19.39 -3.48 -11.10
N ASP B 131 18.67 -3.50 -12.21
CA ASP B 131 17.44 -2.68 -12.42
C ASP B 131 16.21 -3.38 -11.82
N GLU B 132 16.19 -4.72 -11.76
CA GLU B 132 14.96 -5.53 -11.48
C GLU B 132 15.10 -6.32 -10.16
N GLU B 133 16.19 -7.08 -9.97
CA GLU B 133 16.31 -8.13 -8.90
C GLU B 133 16.87 -7.56 -7.59
N ASP B 134 16.08 -7.65 -6.52
CA ASP B 134 16.52 -7.56 -5.10
C ASP B 134 17.85 -8.33 -4.94
N LEU B 135 18.74 -7.81 -4.10
CA LEU B 135 20.05 -8.45 -3.78
C LEU B 135 19.88 -9.14 -2.44
N ARG B 136 20.08 -10.46 -2.44
CA ARG B 136 19.96 -11.34 -1.26
C ARG B 136 21.34 -11.92 -0.97
N LEU B 137 21.90 -11.61 0.19
CA LEU B 137 23.13 -12.28 0.70
C LEU B 137 22.84 -12.79 2.08
N VAL B 138 23.67 -13.75 2.48
CA VAL B 138 23.87 -14.12 3.92
C VAL B 138 25.36 -13.93 4.23
N ASP B 139 25.61 -13.43 5.44
CA ASP B 139 26.96 -13.26 6.04
C ASP B 139 27.09 -14.18 7.25
N LEU B 140 28.10 -15.05 7.24
CA LEU B 140 28.62 -15.64 8.51
C LEU B 140 29.58 -14.61 9.14
N VAL B 141 29.24 -14.20 10.36
CA VAL B 141 29.90 -13.10 11.10
C VAL B 141 30.60 -13.68 12.32
N ILE B 142 31.90 -13.37 12.45
CA ILE B 142 32.84 -13.94 13.46
C ILE B 142 33.46 -12.80 14.27
N PRO B 143 32.76 -12.34 15.33
CA PRO B 143 33.23 -11.23 16.15
C PRO B 143 34.66 -11.37 16.70
N VAL B 144 35.37 -10.22 16.76
CA VAL B 144 36.75 -10.06 17.25
C VAL B 144 36.79 -9.65 18.74
N ASN B 145 35.72 -9.17 19.36
CA ASN B 145 35.87 -8.44 20.64
C ASN B 145 35.37 -9.29 21.81
N GLY B 146 34.13 -9.75 21.72
CA GLY B 146 33.60 -10.72 22.68
C GLY B 146 33.04 -11.91 21.91
N PRO B 147 32.75 -13.02 22.60
CA PRO B 147 32.14 -14.17 21.95
C PRO B 147 30.80 -13.82 21.32
N GLY B 148 30.71 -13.79 20.00
CA GLY B 148 29.44 -13.67 19.25
C GLY B 148 28.77 -12.30 19.41
N LYS B 149 29.35 -11.36 20.15
CA LYS B 149 28.80 -9.99 20.28
C LYS B 149 29.56 -9.09 19.31
N PHE B 150 28.88 -8.49 18.33
CA PHE B 150 29.54 -7.58 17.36
C PHE B 150 28.76 -6.28 17.25
N GLU B 151 29.47 -5.21 16.85
CA GLU B 151 28.94 -3.84 16.62
C GLU B 151 29.27 -3.41 15.19
N ALA B 152 28.41 -2.60 14.60
CA ALA B 152 28.63 -1.95 13.30
C ALA B 152 28.97 -0.48 13.55
N PHE B 153 30.00 0.05 12.89
CA PHE B 153 30.43 1.47 13.02
C PHE B 153 30.12 2.21 11.73
N ASP B 154 29.28 3.25 11.83
CA ASP B 154 28.68 3.98 10.68
C ASP B 154 29.45 5.29 10.46
N LEU B 155 30.00 5.48 9.25
CA LEU B 155 30.63 6.73 8.75
C LEU B 155 29.54 7.71 8.27
N ALA B 156 28.49 7.19 7.65
CA ALA B 156 27.43 7.93 6.94
C ALA B 156 26.55 8.69 7.93
N LYS B 157 25.94 9.77 7.45
CA LYS B 157 24.98 10.59 8.24
C LYS B 157 23.97 9.64 8.89
N ASN B 158 23.72 9.78 10.19
CA ASN B 158 22.68 9.04 10.95
C ASN B 158 22.76 9.40 12.43
N LYS B 159 21.67 9.19 13.18
CA LYS B 159 21.67 9.47 14.64
C LYS B 159 22.78 8.65 15.31
N ASN B 160 23.70 8.09 14.52
CA ASN B 160 24.58 6.94 14.87
C ASN B 160 25.92 6.95 14.13
N GLN B 161 26.11 7.89 13.21
CA GLN B 161 27.44 8.26 12.65
C GLN B 161 28.41 8.41 13.83
N TYR B 162 29.57 7.77 13.75
CA TYR B 162 30.49 7.67 14.91
C TYR B 162 31.32 8.97 15.01
N LEU B 163 31.62 9.63 13.88
CA LEU B 163 32.32 10.94 13.93
C LEU B 163 31.59 11.86 14.92
N ARG B 164 30.27 11.73 15.08
CA ARG B 164 29.48 12.70 15.90
C ARG B 164 29.82 12.54 17.38
N GLY B 165 30.48 11.44 17.74
CA GLY B 165 30.74 11.04 19.14
C GLY B 165 31.89 11.83 19.70
N PHE B 166 32.79 12.27 18.84
CA PHE B 166 33.95 13.08 19.27
C PHE B 166 33.50 14.48 19.69
N SER B 167 34.18 15.06 20.69
CA SER B 167 33.97 16.46 21.18
C SER B 167 34.27 17.42 20.04
N LYS B 168 33.61 18.58 20.03
CA LYS B 168 33.92 19.70 19.10
C LYS B 168 35.42 19.94 19.11
N ASN B 169 36.04 19.93 20.28
CA ASN B 169 37.44 20.41 20.34
C ASN B 169 38.33 19.45 19.58
N ILE B 170 37.95 18.16 19.62
CA ILE B 170 38.73 17.07 18.99
C ILE B 170 38.46 17.11 17.49
N LEU B 171 37.20 17.25 17.09
CA LEU B 171 36.87 17.37 15.64
C LEU B 171 37.65 18.54 15.02
N GLU B 172 37.58 19.73 15.62
CA GLU B 172 38.19 20.98 15.10
C GLU B 172 39.69 20.77 14.91
N ALA B 173 40.36 20.14 15.88
CA ALA B 173 41.80 19.78 15.80
C ALA B 173 42.08 18.69 14.76
N SER B 174 41.28 17.62 14.76
CA SER B 174 41.52 16.44 13.89
C SER B 174 41.41 16.88 12.44
N TYR B 175 40.29 17.52 12.10
CA TYR B 175 39.98 17.94 10.71
C TYR B 175 40.56 19.34 10.39
N ASN B 176 41.02 20.07 11.44
CA ASN B 176 41.64 21.42 11.32
C ASN B 176 40.71 22.31 10.46
N THR B 177 39.49 22.46 10.97
CA THR B 177 38.30 23.07 10.31
C THR B 177 37.38 23.54 11.43
N ARG B 178 36.62 24.62 11.26
CA ARG B 178 35.66 24.97 12.33
C ARG B 178 34.58 23.90 12.38
N TYR B 179 34.07 23.65 13.58
CA TYR B 179 32.95 22.74 13.84
C TYR B 179 31.85 23.05 12.82
N GLU B 180 31.51 24.32 12.65
CA GLU B 180 30.37 24.72 11.79
C GLU B 180 30.54 24.08 10.40
N THR B 181 31.75 24.04 9.83
CA THR B 181 31.99 23.42 8.49
C THR B 181 31.93 21.88 8.63
N ILE B 182 32.60 21.29 9.60
CA ILE B 182 32.60 19.81 9.77
C ILE B 182 31.15 19.34 9.87
N GLU B 183 30.30 20.13 10.51
CA GLU B 183 28.86 19.80 10.76
C GLU B 183 28.13 19.77 9.42
N LYS B 184 28.22 20.84 8.64
CA LYS B 184 27.52 20.99 7.33
C LYS B 184 28.11 20.03 6.31
N VAL B 185 29.38 19.67 6.44
CA VAL B 185 30.09 18.94 5.36
C VAL B 185 30.13 17.44 5.69
N LEU B 186 30.58 17.04 6.90
CA LEU B 186 30.75 15.60 7.27
C LEU B 186 29.60 15.09 8.13
N LEU B 187 29.08 15.88 9.08
CA LEU B 187 28.12 15.31 10.07
C LEU B 187 26.69 15.50 9.57
N GLU B 188 26.12 16.71 9.70
CA GLU B 188 24.66 17.06 9.72
C GLU B 188 23.87 15.92 10.33
N ASP B 204 19.25 4.95 8.70
CA ASP B 204 18.73 4.44 7.40
C ASP B 204 19.64 3.32 6.87
N ALA B 205 20.79 3.66 6.27
CA ALA B 205 21.92 2.73 6.00
C ALA B 205 21.79 2.09 4.61
N ILE B 206 20.59 1.63 4.21
CA ILE B 206 20.26 1.32 2.79
C ILE B 206 19.47 2.52 2.25
N VAL B 207 20.03 3.19 1.24
CA VAL B 207 19.42 4.45 0.69
C VAL B 207 19.29 4.32 -0.83
N LYS B 208 18.29 4.98 -1.41
CA LYS B 208 18.04 4.99 -2.87
C LYS B 208 19.17 5.78 -3.51
N VAL B 209 19.87 5.17 -4.46
CA VAL B 209 20.84 5.86 -5.34
C VAL B 209 20.09 6.21 -6.64
N SER B 210 20.38 7.37 -7.24
CA SER B 210 19.71 7.87 -8.47
C SER B 210 20.07 6.98 -9.66
N ARG B 211 19.19 6.90 -10.67
CA ARG B 211 19.44 6.20 -11.96
C ARG B 211 20.80 6.63 -12.54
N GLU B 212 21.29 7.81 -12.16
CA GLU B 212 22.48 8.44 -12.79
C GLU B 212 23.75 8.13 -11.98
N GLN B 213 23.70 8.25 -10.65
CA GLN B 213 24.85 7.96 -9.74
C GLN B 213 25.29 6.51 -9.95
N ILE B 214 24.31 5.64 -10.16
CA ILE B 214 24.48 4.17 -10.43
C ILE B 214 25.39 3.94 -11.65
N GLU B 215 25.62 4.95 -12.50
CA GLU B 215 26.57 4.86 -13.63
C GLU B 215 27.98 5.19 -13.10
N GLU B 216 28.89 4.21 -13.14
CA GLU B 216 30.29 4.28 -12.62
C GLU B 216 31.11 3.07 -13.12
N PHE B 233 42.65 -11.74 -3.23
CA PHE B 233 41.42 -12.28 -2.59
C PHE B 233 40.19 -11.78 -3.37
N GLU B 234 40.12 -12.13 -4.66
CA GLU B 234 38.94 -11.99 -5.56
C GLU B 234 37.89 -13.01 -5.14
N PRO B 235 36.58 -12.80 -5.43
CA PRO B 235 35.52 -13.61 -4.80
C PRO B 235 35.53 -15.01 -5.43
N ILE B 236 35.33 -16.06 -4.61
CA ILE B 236 35.29 -17.48 -5.07
C ILE B 236 33.82 -17.90 -5.23
N ASN B 237 33.46 -18.42 -6.41
CA ASN B 237 32.08 -18.87 -6.75
C ASN B 237 31.92 -20.35 -6.35
N LEU B 238 30.83 -20.68 -5.66
CA LEU B 238 30.53 -22.07 -5.21
C LEU B 238 30.40 -23.01 -6.42
N ARG B 239 29.86 -22.54 -7.56
CA ARG B 239 29.66 -23.39 -8.75
C ARG B 239 30.81 -23.17 -9.73
N SER B 240 31.93 -22.63 -9.29
CA SER B 240 33.05 -22.39 -10.23
C SER B 240 33.61 -23.76 -10.58
N HIS B 241 34.12 -24.51 -9.60
CA HIS B 241 34.68 -25.87 -9.80
C HIS B 241 33.54 -26.88 -9.91
N LYS B 242 33.78 -28.00 -10.59
CA LYS B 242 32.83 -29.13 -10.76
C LYS B 242 32.35 -29.57 -9.38
N PRO B 243 31.04 -29.90 -9.19
CA PRO B 243 30.52 -30.19 -7.86
C PRO B 243 31.10 -31.51 -7.34
N GLU B 244 30.98 -31.76 -6.04
CA GLU B 244 31.66 -32.92 -5.45
C GLU B 244 30.78 -34.15 -5.68
N TYR B 245 29.47 -33.96 -5.61
CA TYR B 245 28.40 -34.91 -5.96
C TYR B 245 27.45 -34.23 -6.96
N SER B 246 26.94 -34.97 -7.94
CA SER B 246 25.69 -34.63 -8.69
C SER B 246 25.05 -35.85 -9.37
N ASN B 247 23.74 -35.68 -9.64
CA ASN B 247 22.69 -36.69 -9.86
C ASN B 247 21.54 -36.00 -10.61
N LYS B 248 20.68 -36.80 -11.27
CA LYS B 248 19.32 -36.37 -11.69
C LYS B 248 18.59 -35.89 -10.42
N PHE B 249 19.11 -36.19 -9.23
CA PHE B 249 18.37 -35.99 -7.96
C PHE B 249 18.96 -34.86 -7.09
N GLY B 250 20.23 -34.53 -7.20
CA GLY B 250 20.84 -33.53 -6.30
C GLY B 250 22.27 -33.20 -6.68
N LYS B 251 22.78 -32.09 -6.17
CA LYS B 251 24.17 -31.61 -6.38
C LYS B 251 24.73 -31.14 -5.04
N LEU B 252 26.01 -31.41 -4.77
CA LEU B 252 26.71 -30.85 -3.59
C LEU B 252 27.91 -30.06 -4.10
N PHE B 253 27.87 -28.73 -3.91
CA PHE B 253 29.00 -27.79 -4.21
C PHE B 253 29.65 -27.37 -2.90
N GLU B 254 30.96 -27.45 -2.80
CA GLU B 254 31.68 -27.20 -1.52
C GLU B 254 33.02 -26.50 -1.79
N ILE B 255 33.33 -25.43 -1.05
CA ILE B 255 34.71 -24.84 -1.01
C ILE B 255 35.27 -24.98 0.40
N THR B 256 36.45 -25.59 0.54
CA THR B 256 36.94 -26.14 1.82
C THR B 256 38.37 -25.66 2.10
N PRO B 257 38.87 -25.81 3.35
CA PRO B 257 40.28 -25.58 3.67
C PRO B 257 41.33 -26.27 2.76
N GLU B 258 41.94 -25.51 1.84
CA GLU B 258 43.08 -25.95 1.00
C GLU B 258 43.93 -24.70 0.73
N LYS B 259 45.15 -24.83 0.19
CA LYS B 259 46.12 -23.71 -0.04
C LYS B 259 45.61 -22.78 -1.15
N LYS B 260 44.79 -23.25 -2.09
CA LYS B 260 44.18 -22.40 -3.15
C LYS B 260 42.97 -21.63 -2.57
N TYR B 261 42.57 -21.94 -1.32
CA TYR B 261 41.53 -21.24 -0.52
C TYR B 261 42.09 -20.92 0.86
N PRO B 262 43.19 -20.14 0.98
CA PRO B 262 43.93 -20.02 2.24
C PRO B 262 43.18 -19.25 3.35
N GLN B 263 42.31 -18.32 2.96
CA GLN B 263 41.42 -17.52 3.85
C GLN B 263 40.46 -18.49 4.58
N LEU B 264 40.15 -19.62 3.93
CA LEU B 264 39.14 -20.62 4.37
C LEU B 264 39.75 -21.65 5.33
N GLN B 265 41.05 -21.96 5.19
CA GLN B 265 41.76 -22.78 6.22
C GLN B 265 41.94 -21.91 7.48
N ASP B 266 42.49 -20.69 7.35
CA ASP B 266 42.73 -19.77 8.50
C ASP B 266 41.50 -19.79 9.42
N LEU B 267 40.29 -19.69 8.86
CA LEU B 267 39.06 -19.58 9.68
C LEU B 267 38.47 -20.96 9.91
N ASP B 268 38.98 -21.94 9.17
CA ASP B 268 38.66 -23.38 9.32
C ASP B 268 37.18 -23.55 8.96
N LEU B 269 36.87 -23.30 7.69
CA LEU B 269 35.49 -23.13 7.20
C LEU B 269 35.31 -23.75 5.83
N PHE B 270 34.11 -24.32 5.61
CA PHE B 270 33.61 -24.61 4.24
C PHE B 270 32.32 -23.82 4.05
N VAL B 271 32.15 -23.40 2.79
CA VAL B 271 30.88 -22.91 2.22
C VAL B 271 30.41 -23.95 1.21
N SER B 272 29.22 -24.46 1.46
CA SER B 272 28.55 -25.51 0.66
C SER B 272 27.25 -24.91 0.15
N CYS B 273 26.97 -25.21 -1.10
CA CYS B 273 25.62 -25.13 -1.68
C CYS B 273 25.12 -26.56 -1.95
N VAL B 274 23.98 -26.91 -1.36
CA VAL B 274 23.31 -28.24 -1.59
C VAL B 274 22.01 -28.01 -2.38
N GLU B 275 21.89 -28.65 -3.54
CA GLU B 275 20.59 -28.79 -4.27
C GLU B 275 20.04 -30.20 -4.05
N ILE B 276 18.79 -30.25 -3.61
CA ILE B 276 17.95 -31.47 -3.56
C ILE B 276 16.70 -31.17 -4.39
N ASN B 277 16.54 -31.83 -5.54
CA ASN B 277 15.41 -31.68 -6.49
C ASN B 277 14.09 -32.12 -5.84
N GLU B 278 12.96 -31.64 -6.36
CA GLU B 278 11.59 -32.04 -5.90
C GLU B 278 11.51 -33.58 -5.81
N GLY B 279 11.02 -34.07 -4.67
CA GLY B 279 10.85 -35.51 -4.34
C GLY B 279 12.15 -36.32 -4.45
N ALA B 280 13.30 -35.62 -4.35
CA ALA B 280 14.64 -36.19 -4.17
C ALA B 280 14.95 -36.25 -2.68
N LEU B 281 16.10 -36.84 -2.36
CA LEU B 281 16.60 -37.10 -0.96
C LEU B 281 18.11 -37.04 -0.96
N MET B 282 18.73 -36.22 -0.08
CA MET B 282 20.18 -36.38 0.17
C MET B 282 20.33 -37.57 1.12
N LEU B 283 21.04 -38.62 0.70
CA LEU B 283 21.05 -39.95 1.39
C LEU B 283 21.64 -39.76 2.78
N PRO B 284 21.18 -40.51 3.80
CA PRO B 284 21.63 -40.33 5.18
C PRO B 284 23.16 -40.38 5.33
N HIS B 285 23.73 -39.35 5.94
CA HIS B 285 25.20 -39.21 6.13
C HIS B 285 25.44 -38.61 7.51
N TYR B 286 26.69 -38.54 7.90
CA TYR B 286 27.19 -37.67 9.00
C TYR B 286 28.52 -37.07 8.55
N ASN B 287 28.86 -35.94 9.17
CA ASN B 287 30.15 -35.24 8.96
C ASN B 287 31.11 -35.66 10.09
N SER B 288 32.30 -36.16 9.74
CA SER B 288 33.30 -36.61 10.75
C SER B 288 33.47 -35.50 11.78
N ARG B 289 33.91 -34.35 11.28
CA ARG B 289 34.45 -33.19 12.06
C ARG B 289 33.51 -31.96 12.01
N ALA B 290 33.00 -31.61 10.82
CA ALA B 290 32.31 -30.32 10.55
C ALA B 290 31.05 -30.18 11.41
N ILE B 291 30.94 -29.09 12.16
CA ILE B 291 29.65 -28.63 12.75
C ILE B 291 29.02 -27.70 11.73
N VAL B 292 27.90 -28.11 11.09
CA VAL B 292 27.32 -27.45 9.88
C VAL B 292 26.15 -26.57 10.28
N VAL B 293 26.21 -25.32 9.82
CA VAL B 293 25.10 -24.33 9.89
C VAL B 293 24.47 -24.26 8.50
N LEU B 294 23.23 -24.75 8.42
CA LEU B 294 22.46 -24.95 7.17
C LEU B 294 21.46 -23.80 7.05
N LEU B 295 21.54 -23.05 5.94
CA LEU B 295 20.52 -22.02 5.60
C LEU B 295 19.67 -22.54 4.43
N VAL B 296 18.36 -22.63 4.64
CA VAL B 296 17.39 -22.83 3.52
C VAL B 296 17.31 -21.52 2.72
N ASN B 297 17.94 -21.52 1.55
CA ASN B 297 17.88 -20.43 0.55
C ASN B 297 16.49 -20.44 -0.13
N GLU B 298 16.30 -21.38 -1.07
CA GLU B 298 15.00 -21.57 -1.79
C GLU B 298 14.36 -22.91 -1.40
N GLY B 299 13.05 -22.99 -1.52
CA GLY B 299 12.40 -24.29 -1.57
C GLY B 299 11.94 -24.75 -0.21
N LYS B 300 11.31 -25.92 -0.18
CA LYS B 300 10.68 -26.51 1.02
C LYS B 300 11.21 -27.94 1.15
N GLY B 301 11.14 -28.51 2.35
CA GLY B 301 11.81 -29.80 2.61
C GLY B 301 11.56 -30.33 4.00
N ASN B 302 12.11 -31.52 4.27
CA ASN B 302 12.07 -32.10 5.64
C ASN B 302 13.44 -32.67 5.96
N LEU B 303 13.74 -32.71 7.25
CA LEU B 303 15.09 -33.07 7.74
C LEU B 303 14.92 -33.91 8.99
N GLU B 304 15.56 -35.09 9.00
CA GLU B 304 15.75 -35.95 10.21
C GLU B 304 17.22 -35.82 10.62
N LEU B 305 17.41 -35.29 11.83
CA LEU B 305 18.72 -35.20 12.51
C LEU B 305 18.67 -36.16 13.68
N LEU B 306 19.57 -37.13 13.67
CA LEU B 306 19.69 -38.11 14.77
C LEU B 306 20.78 -37.63 15.75
N GLY B 307 20.42 -37.53 17.02
CA GLY B 307 21.33 -37.20 18.13
C GLY B 307 20.82 -37.90 19.37
N LEU B 308 20.90 -37.26 20.53
CA LEU B 308 20.40 -37.80 21.83
C LEU B 308 19.23 -36.97 22.34
N ASN B 323 23.05 -41.88 26.96
CA ASN B 323 22.59 -42.84 25.91
C ASN B 323 21.12 -42.53 25.58
N GLU B 324 20.57 -43.17 24.53
CA GLU B 324 19.19 -43.04 23.93
C GLU B 324 19.27 -42.23 22.63
N VAL B 325 18.84 -42.76 21.48
CA VAL B 325 18.87 -42.00 20.19
C VAL B 325 17.51 -41.34 19.98
N GLN B 326 17.52 -40.07 19.55
CA GLN B 326 16.29 -39.27 19.25
C GLN B 326 16.40 -38.68 17.84
N ARG B 327 15.31 -38.72 17.10
CA ARG B 327 15.15 -38.11 15.76
C ARG B 327 14.72 -36.68 16.01
N TYR B 328 15.36 -35.72 15.35
CA TYR B 328 14.96 -34.30 15.43
C TYR B 328 14.45 -33.93 14.04
N GLU B 329 13.14 -33.86 13.93
CA GLU B 329 12.48 -33.53 12.62
C GLU B 329 12.36 -32.02 12.55
N ALA B 330 12.52 -31.49 11.35
CA ALA B 330 12.32 -30.08 11.05
C ALA B 330 11.73 -30.00 9.65
N ARG B 331 10.65 -29.22 9.51
CA ARG B 331 10.17 -28.63 8.23
C ARG B 331 11.17 -27.56 7.80
N LEU B 332 11.57 -27.54 6.53
CA LEU B 332 12.58 -26.60 5.99
C LEU B 332 11.93 -25.64 4.99
N SER B 333 11.48 -24.46 5.40
CA SER B 333 11.07 -23.34 4.49
C SER B 333 12.13 -22.23 4.50
N PRO B 334 12.15 -21.30 3.51
CA PRO B 334 13.24 -20.33 3.40
C PRO B 334 13.61 -19.45 4.61
N GLY B 335 14.89 -19.19 4.76
CA GLY B 335 15.43 -18.45 5.93
C GLY B 335 15.39 -19.28 7.20
N ASP B 336 15.08 -20.57 7.08
CA ASP B 336 15.15 -21.56 8.19
C ASP B 336 16.60 -21.99 8.30
N VAL B 337 17.04 -22.29 9.52
CA VAL B 337 18.45 -22.66 9.78
C VAL B 337 18.44 -23.89 10.67
N VAL B 338 19.33 -24.83 10.38
CA VAL B 338 19.47 -26.07 11.19
C VAL B 338 20.96 -26.24 11.48
N ILE B 339 21.30 -26.55 12.71
CA ILE B 339 22.71 -26.92 13.04
C ILE B 339 22.78 -28.44 12.97
N ILE B 340 23.76 -28.93 12.20
CA ILE B 340 24.10 -30.37 12.16
C ILE B 340 25.41 -30.56 12.91
N PRO B 341 25.37 -30.87 14.23
CA PRO B 341 26.57 -31.19 15.00
C PRO B 341 27.37 -32.33 14.37
N ALA B 342 28.69 -32.20 14.38
CA ALA B 342 29.63 -33.22 13.88
C ALA B 342 29.14 -34.61 14.32
N GLY B 343 29.20 -35.58 13.40
CA GLY B 343 28.87 -36.99 13.65
C GLY B 343 27.39 -37.27 13.89
N HIS B 344 26.53 -36.25 13.94
CA HIS B 344 25.06 -36.47 13.97
C HIS B 344 24.61 -36.86 12.55
N PRO B 345 24.16 -38.12 12.29
CA PRO B 345 23.69 -38.51 10.97
C PRO B 345 22.36 -37.81 10.66
N VAL B 346 22.20 -37.41 9.40
CA VAL B 346 21.15 -36.46 8.93
C VAL B 346 20.61 -36.96 7.58
N ALA B 347 19.32 -36.88 7.37
CA ALA B 347 18.73 -37.07 6.02
C ALA B 347 17.85 -35.87 5.70
N ILE B 348 17.92 -35.45 4.45
CA ILE B 348 17.14 -34.29 3.94
C ILE B 348 16.40 -34.65 2.66
N THR B 349 15.06 -34.52 2.72
CA THR B 349 14.09 -34.59 1.59
C THR B 349 13.64 -33.17 1.20
N ALA B 350 13.53 -32.97 -0.12
CA ALA B 350 12.93 -31.82 -0.83
C ALA B 350 11.48 -32.11 -1.29
N SER B 351 10.52 -31.35 -0.76
CA SER B 351 9.09 -31.28 -1.22
C SER B 351 8.92 -30.29 -2.39
N SER B 352 9.81 -29.31 -2.57
CA SER B 352 10.07 -28.61 -3.86
C SER B 352 11.58 -28.43 -4.04
N ASN B 353 12.06 -28.06 -5.22
CA ASN B 353 13.52 -27.86 -5.45
C ASN B 353 14.06 -27.11 -4.25
N LEU B 354 15.04 -27.72 -3.58
CA LEU B 354 15.64 -27.20 -2.32
C LEU B 354 17.05 -26.68 -2.63
N ASN B 355 17.36 -25.50 -2.11
CA ASN B 355 18.71 -24.92 -2.24
C ASN B 355 19.20 -24.57 -0.84
N LEU B 356 20.20 -25.27 -0.35
CA LEU B 356 20.67 -25.10 1.04
C LEU B 356 22.01 -24.39 0.97
N LEU B 357 22.24 -23.48 1.89
CA LEU B 357 23.60 -22.93 2.09
C LEU B 357 24.18 -23.47 3.39
N GLY B 358 25.38 -24.02 3.30
CA GLY B 358 26.07 -24.58 4.47
C GLY B 358 27.35 -23.84 4.79
N PHE B 359 27.45 -23.35 6.02
CA PHE B 359 28.74 -22.96 6.64
C PHE B 359 29.21 -24.14 7.49
N GLY B 360 30.30 -24.77 7.08
CA GLY B 360 30.97 -25.81 7.90
C GLY B 360 32.03 -25.26 8.82
N ILE B 361 31.74 -25.24 10.12
CA ILE B 361 32.67 -24.89 11.23
C ILE B 361 33.52 -26.12 11.59
N ASN B 362 34.81 -25.92 11.90
CA ASN B 362 35.76 -26.99 12.29
C ASN B 362 35.84 -27.98 11.11
N ALA B 363 36.12 -27.43 9.94
CA ALA B 363 35.84 -27.99 8.60
C ALA B 363 36.96 -28.86 8.07
N GLU B 364 38.19 -28.73 8.58
CA GLU B 364 39.41 -29.28 7.94
C GLU B 364 39.42 -30.80 8.17
N ASN B 365 39.62 -31.56 7.09
CA ASN B 365 39.67 -33.03 7.06
C ASN B 365 38.27 -33.66 7.18
N ASN B 366 37.22 -32.85 7.31
CA ASN B 366 35.82 -33.33 7.32
C ASN B 366 35.63 -34.26 6.14
N GLU B 367 34.94 -35.36 6.40
CA GLU B 367 34.50 -36.34 5.39
C GLU B 367 33.04 -36.68 5.68
N ARG B 368 32.25 -36.79 4.61
CA ARG B 368 30.84 -37.18 4.73
C ARG B 368 30.79 -38.71 4.64
N ASN B 369 30.36 -39.36 5.72
CA ASN B 369 30.07 -40.81 5.82
C ASN B 369 28.60 -41.02 5.49
N PHE B 370 28.30 -41.51 4.29
CA PHE B 370 26.93 -41.92 3.89
C PHE B 370 26.65 -43.33 4.44
N LEU B 371 25.38 -43.63 4.69
CA LEU B 371 24.96 -44.96 5.18
C LEU B 371 24.05 -45.67 4.15
N SER B 372 23.92 -45.16 2.93
CA SER B 372 23.04 -45.69 1.85
C SER B 372 23.80 -45.48 0.55
N GLY B 373 23.51 -46.22 -0.51
CA GLY B 373 24.11 -45.97 -1.83
C GLY B 373 25.51 -46.53 -1.93
N SER B 374 26.12 -46.38 -3.10
CA SER B 374 27.34 -47.12 -3.50
C SER B 374 28.57 -46.37 -3.01
N ASP B 375 28.75 -45.16 -3.51
CA ASP B 375 29.96 -44.36 -3.22
C ASP B 375 29.78 -43.74 -1.84
N ASP B 376 30.83 -43.78 -1.01
CA ASP B 376 30.94 -43.02 0.26
C ASP B 376 30.07 -43.68 1.33
N ASN B 377 29.62 -44.91 1.05
CA ASN B 377 28.88 -45.78 2.00
C ASN B 377 29.86 -46.48 2.93
N VAL B 378 30.03 -45.92 4.11
CA VAL B 378 30.94 -46.45 5.17
C VAL B 378 30.48 -47.86 5.53
N ILE B 379 29.18 -48.14 5.59
CA ILE B 379 28.69 -49.50 5.96
C ILE B 379 29.38 -50.49 5.02
N SER B 380 29.51 -50.14 3.75
CA SER B 380 30.00 -51.08 2.72
C SER B 380 31.50 -51.41 2.94
N GLN B 381 32.10 -50.88 4.00
CA GLN B 381 33.56 -51.00 4.24
C GLN B 381 33.85 -51.93 5.41
N ILE B 382 32.88 -52.11 6.32
CA ILE B 382 32.91 -53.20 7.36
C ILE B 382 33.24 -54.56 6.68
N GLU B 383 34.27 -55.26 7.16
CA GLU B 383 34.62 -56.65 6.74
C GLU B 383 33.39 -57.54 6.92
N ASN B 384 33.19 -58.51 6.02
CA ASN B 384 32.00 -59.41 5.99
C ASN B 384 31.81 -60.10 7.33
N PRO B 385 32.89 -60.63 7.93
CA PRO B 385 32.78 -61.26 9.25
C PRO B 385 32.17 -60.30 10.28
N VAL B 386 32.51 -59.01 10.23
CA VAL B 386 32.02 -58.03 11.24
C VAL B 386 30.59 -57.64 10.85
N LYS B 387 30.33 -57.54 9.56
CA LYS B 387 28.95 -57.36 9.03
C LYS B 387 28.03 -58.32 9.76
N GLU B 388 28.36 -59.62 9.74
CA GLU B 388 27.55 -60.70 10.36
C GLU B 388 27.44 -60.47 11.89
N LEU B 389 28.38 -59.78 12.55
CA LEU B 389 28.23 -59.46 14.01
C LEU B 389 27.53 -58.12 14.28
N THR B 390 27.69 -57.14 13.38
CA THR B 390 27.06 -55.80 13.49
C THR B 390 25.57 -55.85 13.19
N PHE B 391 25.16 -56.55 12.12
CA PHE B 391 23.75 -56.59 11.64
C PHE B 391 23.15 -58.00 11.69
N PRO B 392 21.84 -58.11 12.00
CA PRO B 392 21.14 -59.42 12.09
C PRO B 392 21.11 -60.27 10.81
N GLY B 393 21.08 -59.64 9.65
CA GLY B 393 21.04 -60.34 8.37
C GLY B 393 22.26 -61.22 8.22
N SER B 394 22.28 -62.00 7.14
CA SER B 394 23.42 -62.80 6.69
C SER B 394 24.32 -61.90 5.86
N VAL B 395 25.53 -62.35 5.55
CA VAL B 395 26.49 -61.60 4.71
C VAL B 395 25.85 -61.33 3.36
N GLN B 396 25.30 -62.38 2.72
CA GLN B 396 24.70 -62.27 1.37
C GLN B 396 23.54 -61.29 1.40
N GLU B 397 22.73 -61.35 2.46
CA GLU B 397 21.49 -60.56 2.60
C GLU B 397 21.89 -59.09 2.76
N ILE B 398 22.77 -58.79 3.73
CA ILE B 398 23.29 -57.43 4.05
C ILE B 398 23.91 -56.85 2.77
N ASN B 399 24.81 -57.60 2.12
CA ASN B 399 25.58 -57.07 0.98
C ASN B 399 24.65 -56.64 -0.15
N ARG B 400 23.60 -57.44 -0.39
CA ARG B 400 22.62 -57.29 -1.49
C ARG B 400 21.68 -56.16 -1.13
N LEU B 401 21.23 -56.09 0.13
CA LEU B 401 20.35 -54.96 0.52
C LEU B 401 21.06 -53.64 0.20
N ILE B 402 22.34 -53.55 0.50
CA ILE B 402 23.21 -52.34 0.38
C ILE B 402 23.40 -51.95 -1.09
N LYS B 403 23.24 -52.90 -2.03
CA LYS B 403 23.33 -52.65 -3.51
C LYS B 403 22.00 -52.16 -4.11
N ASN B 404 20.91 -52.19 -3.35
CA ASN B 404 19.57 -51.92 -3.89
C ASN B 404 19.47 -50.46 -4.27
N GLN B 405 20.12 -49.60 -3.47
CA GLN B 405 20.24 -48.16 -3.76
C GLN B 405 21.42 -47.99 -4.73
N LYS B 406 21.14 -47.89 -6.02
CA LYS B 406 22.18 -47.79 -7.09
C LYS B 406 22.72 -46.36 -7.13
N GLN B 407 22.00 -45.42 -6.51
CA GLN B 407 22.38 -43.98 -6.45
C GLN B 407 23.43 -43.71 -5.37
N SER B 408 24.13 -42.57 -5.51
CA SER B 408 25.10 -42.07 -4.51
C SER B 408 24.70 -40.66 -4.12
N HIS B 409 24.77 -40.40 -2.81
CA HIS B 409 24.58 -39.07 -2.17
C HIS B 409 23.11 -38.61 -2.25
N PHE B 410 22.58 -38.53 -3.48
CA PHE B 410 21.16 -38.15 -3.72
C PHE B 410 20.41 -39.28 -4.42
N ALA B 411 19.15 -39.49 -4.08
CA ALA B 411 18.28 -40.48 -4.75
C ALA B 411 16.81 -40.07 -4.54
N ASN B 412 15.86 -40.73 -5.22
CA ASN B 412 14.41 -40.43 -5.14
C ASN B 412 13.89 -40.83 -3.75
N ALA B 413 13.05 -40.00 -3.11
CA ALA B 413 12.37 -40.29 -1.82
C ALA B 413 11.11 -41.15 -2.04
N ASN C 25 -39.17 -31.07 -11.43
CA ASN C 25 -38.48 -30.97 -10.06
C ASN C 25 -38.23 -29.49 -9.76
N PRO C 26 -39.26 -28.75 -9.28
CA PRO C 26 -39.09 -27.32 -9.01
C PRO C 26 -38.12 -26.99 -7.87
N PHE C 27 -37.49 -28.03 -7.27
CA PHE C 27 -36.59 -27.97 -6.08
C PHE C 27 -35.12 -27.94 -6.50
N LEU C 28 -34.81 -28.30 -7.74
CA LEU C 28 -33.42 -28.33 -8.21
C LEU C 28 -33.16 -27.07 -9.03
N PHE C 29 -32.21 -26.27 -8.55
CA PHE C 29 -31.52 -25.19 -9.29
C PHE C 29 -30.15 -25.72 -9.70
N LYS C 30 -30.01 -26.09 -10.98
CA LYS C 30 -28.74 -26.60 -11.59
C LYS C 30 -27.67 -25.49 -11.59
N SER C 31 -26.41 -25.83 -11.88
CA SER C 31 -25.25 -24.90 -11.90
C SER C 31 -25.34 -23.86 -13.03
N ASN C 32 -25.93 -24.21 -14.17
CA ASN C 32 -26.25 -23.29 -15.30
C ASN C 32 -27.37 -22.30 -14.90
N LYS C 33 -27.90 -22.36 -13.67
CA LYS C 33 -28.97 -21.42 -13.21
C LYS C 33 -28.32 -20.21 -12.49
N PHE C 34 -27.02 -20.26 -12.20
CA PHE C 34 -26.24 -19.08 -11.73
C PHE C 34 -25.95 -18.13 -12.93
N LEU C 35 -26.68 -17.00 -12.99
CA LEU C 35 -26.49 -15.91 -13.99
C LEU C 35 -25.13 -15.27 -13.72
N THR C 36 -24.39 -14.94 -14.78
CA THR C 36 -23.03 -14.33 -14.71
C THR C 36 -23.21 -12.84 -14.43
N LEU C 37 -22.75 -12.37 -13.25
CA LEU C 37 -22.88 -10.97 -12.76
C LEU C 37 -21.62 -10.20 -13.17
N PHE C 38 -20.51 -10.91 -13.37
CA PHE C 38 -19.20 -10.41 -13.84
C PHE C 38 -18.26 -11.59 -14.13
N GLU C 39 -17.32 -11.39 -15.05
CA GLU C 39 -16.31 -12.39 -15.47
C GLU C 39 -15.30 -11.70 -16.40
N ASN C 40 -14.02 -11.74 -16.02
CA ASN C 40 -12.83 -11.38 -16.85
C ASN C 40 -11.80 -12.49 -16.63
N GLU C 41 -10.55 -12.27 -17.05
CA GLU C 41 -9.51 -13.34 -17.08
C GLU C 41 -9.11 -13.72 -15.63
N ASN C 42 -9.70 -13.08 -14.61
CA ASN C 42 -9.26 -13.13 -13.18
C ASN C 42 -10.28 -13.77 -12.23
N GLY C 43 -11.57 -13.90 -12.62
CA GLY C 43 -12.58 -14.55 -11.76
C GLY C 43 -14.00 -14.41 -12.28
N HIS C 44 -14.89 -15.34 -11.89
CA HIS C 44 -16.36 -15.25 -12.06
C HIS C 44 -16.98 -14.75 -10.75
N ILE C 45 -17.97 -13.88 -10.86
CA ILE C 45 -19.07 -13.72 -9.87
C ILE C 45 -20.35 -14.19 -10.56
N ARG C 46 -21.09 -15.11 -9.94
CA ARG C 46 -22.38 -15.57 -10.53
C ARG C 46 -23.45 -15.57 -9.42
N LEU C 47 -24.69 -15.23 -9.82
CA LEU C 47 -25.89 -15.01 -8.95
C LEU C 47 -27.00 -15.99 -9.36
N LEU C 48 -27.35 -16.92 -8.47
CA LEU C 48 -28.47 -17.89 -8.69
C LEU C 48 -29.77 -17.10 -8.92
N GLN C 49 -30.45 -17.38 -10.03
CA GLN C 49 -31.88 -17.04 -10.29
C GLN C 49 -32.58 -17.00 -8.94
N ARG C 50 -33.38 -15.96 -8.69
CA ARG C 50 -34.24 -15.84 -7.49
C ARG C 50 -34.98 -17.16 -7.28
N PHE C 51 -35.16 -17.53 -6.01
CA PHE C 51 -35.87 -18.76 -5.58
C PHE C 51 -37.36 -18.66 -5.97
N ASP C 52 -37.94 -17.46 -5.86
CA ASP C 52 -39.38 -17.17 -6.08
C ASP C 52 -39.69 -16.95 -7.58
N LYS C 53 -38.71 -16.95 -8.49
CA LYS C 53 -38.97 -16.59 -9.92
C LYS C 53 -39.60 -17.78 -10.63
N ARG C 54 -39.05 -18.99 -10.47
CA ARG C 54 -39.67 -20.23 -10.99
C ARG C 54 -41.03 -20.41 -10.33
N SER C 55 -41.09 -20.50 -8.99
CA SER C 55 -42.20 -21.13 -8.23
C SER C 55 -42.72 -20.23 -7.10
N ASP C 56 -44.05 -20.23 -6.89
CA ASP C 56 -44.78 -19.68 -5.72
C ASP C 56 -44.42 -20.45 -4.44
N LEU C 57 -43.81 -21.64 -4.57
CA LEU C 57 -43.38 -22.54 -3.46
C LEU C 57 -42.36 -21.88 -2.53
N PHE C 58 -41.52 -20.95 -3.03
CA PHE C 58 -40.33 -20.44 -2.30
C PHE C 58 -40.49 -18.96 -1.90
N GLU C 59 -41.73 -18.47 -1.81
CA GLU C 59 -42.09 -17.08 -1.38
C GLU C 59 -41.49 -16.81 0.00
N ASN C 60 -41.36 -17.84 0.84
CA ASN C 60 -40.73 -17.77 2.18
C ASN C 60 -39.20 -17.77 2.06
N LEU C 61 -38.66 -17.86 0.84
CA LEU C 61 -37.19 -17.83 0.56
C LEU C 61 -36.83 -16.63 -0.30
N GLN C 62 -37.81 -15.75 -0.57
CA GLN C 62 -37.76 -14.71 -1.63
C GLN C 62 -36.66 -13.68 -1.32
N ASN C 63 -36.31 -13.52 -0.05
CA ASN C 63 -35.21 -12.63 0.39
C ASN C 63 -33.94 -13.42 0.76
N TYR C 64 -33.58 -14.41 -0.05
CA TYR C 64 -32.28 -15.13 0.05
C TYR C 64 -31.77 -15.31 -1.37
N ARG C 65 -30.58 -14.78 -1.62
CA ARG C 65 -29.87 -14.90 -2.92
C ARG C 65 -28.61 -15.73 -2.67
N LEU C 66 -28.17 -16.47 -3.68
CA LEU C 66 -26.85 -17.15 -3.64
C LEU C 66 -25.95 -16.46 -4.66
N VAL C 67 -24.74 -16.14 -4.23
CA VAL C 67 -23.62 -15.73 -5.13
C VAL C 67 -22.53 -16.79 -5.01
N GLU C 68 -21.99 -17.23 -6.15
CA GLU C 68 -20.70 -17.97 -6.27
C GLU C 68 -19.61 -16.97 -6.69
N TYR C 69 -18.51 -16.89 -5.93
CA TYR C 69 -17.29 -16.09 -6.25
C TYR C 69 -16.08 -17.01 -6.45
N ARG C 70 -15.40 -16.87 -7.60
CA ARG C 70 -14.11 -17.56 -7.91
C ARG C 70 -13.11 -16.55 -8.51
N ALA C 71 -11.88 -16.52 -7.98
CA ALA C 71 -10.78 -15.65 -8.44
C ALA C 71 -9.46 -16.43 -8.41
N LYS C 72 -8.66 -16.23 -9.47
CA LYS C 72 -7.37 -16.93 -9.74
C LYS C 72 -6.31 -16.40 -8.77
N PRO C 73 -5.04 -16.88 -8.86
CA PRO C 73 -3.98 -16.36 -7.99
C PRO C 73 -3.74 -14.84 -8.15
N HIS C 74 -3.30 -14.19 -7.05
CA HIS C 74 -2.96 -12.74 -6.97
C HIS C 74 -4.08 -11.92 -7.59
N THR C 75 -5.25 -11.91 -6.93
CA THR C 75 -6.44 -11.12 -7.33
C THR C 75 -6.96 -10.34 -6.12
N ILE C 76 -7.73 -9.29 -6.40
CA ILE C 76 -8.40 -8.45 -5.37
C ILE C 76 -9.84 -8.18 -5.84
N PHE C 77 -10.82 -8.49 -5.00
CA PHE C 77 -12.19 -7.99 -5.20
C PHE C 77 -12.15 -6.52 -4.78
N LEU C 78 -12.25 -5.61 -5.76
CA LEU C 78 -11.99 -4.15 -5.54
C LEU C 78 -13.11 -3.56 -4.70
N PRO C 79 -12.74 -2.71 -3.70
CA PRO C 79 -13.66 -2.10 -2.76
C PRO C 79 -15.01 -1.60 -3.34
N GLN C 80 -16.02 -1.76 -2.50
CA GLN C 80 -17.44 -1.96 -2.86
C GLN C 80 -18.20 -2.30 -1.59
N HIS C 81 -19.49 -2.00 -1.58
CA HIS C 81 -20.46 -2.50 -0.56
C HIS C 81 -21.72 -3.00 -1.29
N ILE C 82 -22.39 -3.99 -0.70
CA ILE C 82 -23.69 -4.55 -1.16
C ILE C 82 -24.75 -4.13 -0.11
N ASP C 83 -25.97 -3.78 -0.56
CA ASP C 83 -27.10 -3.40 0.34
C ASP C 83 -27.84 -4.70 0.77
N ALA C 84 -27.13 -5.58 1.46
CA ALA C 84 -27.55 -6.96 1.82
C ALA C 84 -26.53 -7.51 2.80
N ASP C 85 -26.99 -8.11 3.88
CA ASP C 85 -26.12 -8.97 4.71
C ASP C 85 -25.54 -10.05 3.80
N LEU C 86 -24.35 -10.52 4.12
CA LEU C 86 -23.68 -11.66 3.45
C LEU C 86 -23.26 -12.64 4.53
N ILE C 87 -23.31 -13.92 4.22
CA ILE C 87 -22.53 -14.91 5.00
C ILE C 87 -21.56 -15.59 4.05
N LEU C 88 -20.29 -15.18 4.14
CA LEU C 88 -19.15 -15.72 3.35
C LEU C 88 -18.86 -17.10 3.90
N VAL C 89 -18.92 -18.11 3.02
CA VAL C 89 -18.34 -19.46 3.32
C VAL C 89 -17.20 -19.73 2.31
N VAL C 90 -16.01 -20.07 2.84
CA VAL C 90 -14.81 -20.47 2.02
C VAL C 90 -14.93 -21.98 1.72
N LEU C 91 -15.37 -22.30 0.49
CA LEU C 91 -15.46 -23.66 -0.06
C LEU C 91 -14.06 -24.27 -0.15
N SER C 92 -13.14 -23.59 -0.84
CA SER C 92 -11.74 -24.00 -1.12
C SER C 92 -10.86 -22.76 -1.37
N GLY C 93 -9.86 -22.53 -0.51
CA GLY C 93 -8.83 -21.50 -0.77
C GLY C 93 -8.42 -20.69 0.44
N LYS C 94 -7.37 -19.89 0.23
CA LYS C 94 -6.84 -18.86 1.15
C LYS C 94 -7.29 -17.50 0.61
N ALA C 95 -7.86 -16.64 1.47
CA ALA C 95 -8.19 -15.22 1.16
C ALA C 95 -7.79 -14.34 2.34
N ILE C 96 -7.49 -13.08 2.04
CA ILE C 96 -7.47 -11.96 3.02
C ILE C 96 -8.75 -11.18 2.71
N LEU C 97 -9.69 -11.22 3.65
CA LEU C 97 -10.90 -10.35 3.66
C LEU C 97 -10.52 -9.14 4.48
N THR C 98 -10.58 -7.95 3.89
CA THR C 98 -10.47 -6.67 4.63
C THR C 98 -11.88 -6.06 4.69
N VAL C 99 -12.33 -5.67 5.90
CA VAL C 99 -13.71 -5.14 6.21
C VAL C 99 -13.55 -3.74 6.82
N LEU C 100 -13.97 -2.68 6.13
CA LEU C 100 -13.82 -1.29 6.63
C LEU C 100 -15.11 -0.85 7.32
N SER C 101 -14.94 -0.12 8.44
CA SER C 101 -15.94 0.70 9.15
C SER C 101 -15.76 2.15 8.72
N PRO C 102 -16.75 3.04 8.97
CA PRO C 102 -16.51 4.49 8.88
C PRO C 102 -15.26 5.04 9.62
N ASN C 103 -14.79 4.39 10.70
CA ASN C 103 -13.64 4.91 11.49
C ASN C 103 -12.65 3.84 11.91
N ASP C 104 -12.66 2.65 11.29
CA ASP C 104 -11.74 1.53 11.66
C ASP C 104 -11.60 0.56 10.49
N ARG C 105 -10.61 -0.32 10.56
CA ARG C 105 -10.42 -1.42 9.58
C ARG C 105 -10.02 -2.70 10.32
N ASN C 106 -10.52 -3.80 9.76
CA ASN C 106 -10.39 -5.21 10.24
C ASN C 106 -10.10 -6.05 8.99
N SER C 107 -9.08 -6.91 9.05
CA SER C 107 -8.74 -7.83 7.92
C SER C 107 -8.46 -9.22 8.49
N TYR C 108 -9.18 -10.20 7.98
CA TYR C 108 -9.35 -11.55 8.56
C TYR C 108 -8.55 -12.52 7.68
N ASN C 109 -7.91 -13.54 8.30
CA ASN C 109 -7.22 -14.64 7.57
C ASN C 109 -8.19 -15.84 7.41
N LEU C 110 -8.50 -16.20 6.15
CA LEU C 110 -9.63 -17.10 5.79
C LEU C 110 -9.15 -18.39 5.11
N GLU C 111 -9.24 -19.52 5.84
CA GLU C 111 -8.98 -20.92 5.36
C GLU C 111 -10.28 -21.53 4.83
N ARG C 112 -10.18 -22.70 4.18
CA ARG C 112 -11.32 -23.60 3.84
C ARG C 112 -12.20 -23.72 5.08
N GLY C 113 -13.52 -23.60 4.88
CA GLY C 113 -14.58 -23.85 5.88
C GLY C 113 -14.84 -22.68 6.81
N ASP C 114 -14.17 -21.54 6.61
CA ASP C 114 -14.40 -20.30 7.39
C ASP C 114 -15.77 -19.71 7.00
N THR C 115 -16.47 -19.21 8.01
CA THR C 115 -17.76 -18.50 7.85
C THR C 115 -17.60 -17.15 8.56
N ILE C 116 -18.14 -16.06 7.99
CA ILE C 116 -18.15 -14.69 8.61
C ILE C 116 -19.39 -13.93 8.14
N LYS C 117 -19.99 -13.09 9.01
CA LYS C 117 -21.04 -12.13 8.55
C LYS C 117 -20.38 -10.87 7.98
N LEU C 118 -20.70 -10.56 6.71
CA LEU C 118 -20.35 -9.30 6.02
C LEU C 118 -21.59 -8.40 5.96
N PRO C 119 -21.85 -7.61 7.01
CA PRO C 119 -23.12 -6.86 7.09
C PRO C 119 -23.30 -5.96 5.86
N ALA C 120 -24.54 -5.77 5.43
CA ALA C 120 -24.93 -4.76 4.42
C ALA C 120 -24.17 -3.45 4.63
N GLY C 121 -23.85 -2.78 3.52
CA GLY C 121 -23.21 -1.47 3.52
C GLY C 121 -21.82 -1.51 4.11
N THR C 122 -21.22 -2.70 4.26
CA THR C 122 -19.80 -2.89 4.65
C THR C 122 -18.92 -2.89 3.37
N THR C 123 -18.20 -1.78 3.12
CA THR C 123 -17.16 -1.65 2.06
C THR C 123 -16.06 -2.66 2.42
N SER C 124 -15.84 -3.63 1.56
CA SER C 124 -14.92 -4.78 1.77
C SER C 124 -14.09 -5.00 0.50
N TYR C 125 -12.96 -5.68 0.64
CA TYR C 125 -12.18 -6.21 -0.51
C TYR C 125 -11.54 -7.55 -0.13
N LEU C 126 -11.47 -8.45 -1.10
CA LEU C 126 -10.89 -9.81 -0.98
C LEU C 126 -9.55 -9.87 -1.72
N VAL C 127 -8.50 -10.34 -1.05
CA VAL C 127 -7.23 -10.73 -1.74
C VAL C 127 -7.10 -12.26 -1.71
N ASN C 128 -7.03 -12.89 -2.88
CA ASN C 128 -6.44 -14.25 -3.05
C ASN C 128 -4.89 -14.11 -2.95
N GLN C 129 -4.28 -14.45 -1.79
CA GLN C 129 -2.79 -14.41 -1.65
C GLN C 129 -2.21 -15.59 -2.44
N ASP C 130 -2.68 -16.80 -2.14
CA ASP C 130 -2.11 -18.10 -2.60
C ASP C 130 -1.56 -17.93 -4.01
N ASP C 131 -0.38 -18.51 -4.25
CA ASP C 131 0.46 -18.40 -5.49
C ASP C 131 -0.05 -19.37 -6.57
N GLU C 132 -0.63 -20.51 -6.15
CA GLU C 132 -1.14 -21.60 -7.03
C GLU C 132 -2.68 -21.55 -7.13
N GLU C 133 -3.37 -21.47 -5.98
CA GLU C 133 -4.78 -21.96 -5.80
C GLU C 133 -5.82 -20.86 -6.03
N ASP C 134 -6.85 -21.17 -6.85
CA ASP C 134 -8.10 -20.36 -7.00
C ASP C 134 -8.81 -20.24 -5.65
N LEU C 135 -9.36 -19.04 -5.35
CA LEU C 135 -10.32 -18.83 -4.24
C LEU C 135 -11.73 -19.13 -4.76
N ARG C 136 -12.46 -20.01 -4.06
CA ARG C 136 -13.89 -20.35 -4.33
C ARG C 136 -14.70 -20.07 -3.05
N LEU C 137 -15.71 -19.20 -3.16
CA LEU C 137 -16.61 -18.79 -2.07
C LEU C 137 -18.06 -18.98 -2.54
N VAL C 138 -18.94 -19.32 -1.58
CA VAL C 138 -20.42 -19.16 -1.67
C VAL C 138 -20.76 -18.02 -0.73
N ASP C 139 -21.61 -17.11 -1.20
CA ASP C 139 -22.24 -16.05 -0.38
C ASP C 139 -23.73 -16.30 -0.33
N LEU C 140 -24.29 -16.41 0.88
CA LEU C 140 -25.73 -16.18 1.11
C LEU C 140 -25.93 -14.67 1.27
N VAL C 141 -26.70 -14.08 0.36
CA VAL C 141 -27.05 -12.62 0.33
C VAL C 141 -28.49 -12.46 0.85
N ILE C 142 -28.64 -11.74 1.96
CA ILE C 142 -29.94 -11.40 2.60
C ILE C 142 -30.18 -9.91 2.46
N PRO C 143 -30.78 -9.48 1.32
CA PRO C 143 -30.97 -8.04 1.02
C PRO C 143 -31.59 -7.24 2.17
N VAL C 144 -31.53 -5.90 2.06
CA VAL C 144 -32.07 -4.94 3.06
C VAL C 144 -33.14 -4.05 2.41
N ASN C 145 -33.09 -3.81 1.09
CA ASN C 145 -34.01 -2.86 0.42
C ASN C 145 -35.25 -3.65 -0.02
N GLY C 146 -35.59 -3.70 -1.31
CA GLY C 146 -36.56 -4.70 -1.80
C GLY C 146 -36.23 -6.14 -1.38
N PRO C 147 -37.19 -7.09 -1.43
CA PRO C 147 -36.92 -8.50 -1.09
C PRO C 147 -36.18 -9.28 -2.19
N GLY C 148 -35.01 -9.83 -1.86
CA GLY C 148 -34.16 -10.57 -2.82
C GLY C 148 -33.54 -9.67 -3.88
N LYS C 149 -33.31 -8.37 -3.61
CA LYS C 149 -32.66 -7.43 -4.58
C LYS C 149 -31.34 -6.89 -3.99
N PHE C 150 -30.26 -7.65 -4.28
CA PHE C 150 -28.83 -7.27 -4.43
C PHE C 150 -28.68 -5.98 -5.23
N GLU C 151 -28.08 -4.94 -4.63
CA GLU C 151 -27.40 -3.85 -5.39
C GLU C 151 -25.93 -3.82 -4.96
N ALA C 152 -25.03 -3.77 -5.96
CA ALA C 152 -23.56 -3.60 -5.77
C ALA C 152 -23.17 -2.17 -6.18
N PHE C 153 -22.51 -1.46 -5.25
CA PHE C 153 -22.02 -0.06 -5.38
C PHE C 153 -20.48 -0.06 -5.39
N ASP C 154 -19.86 0.25 -6.54
CA ASP C 154 -18.38 0.13 -6.69
C ASP C 154 -17.70 1.41 -6.21
N LEU C 155 -16.75 1.30 -5.28
CA LEU C 155 -16.01 2.47 -4.76
C LEU C 155 -14.79 2.75 -5.67
N ALA C 156 -14.34 1.74 -6.41
CA ALA C 156 -13.12 1.80 -7.24
C ALA C 156 -13.49 2.22 -8.67
N LYS C 157 -12.50 2.74 -9.39
CA LYS C 157 -12.55 3.19 -10.81
C LYS C 157 -13.12 2.08 -11.71
N ASN C 158 -14.30 2.31 -12.31
CA ASN C 158 -15.02 1.43 -13.27
C ASN C 158 -16.12 2.28 -13.91
N LYS C 159 -16.67 1.91 -15.08
CA LYS C 159 -17.74 2.71 -15.76
C LYS C 159 -18.76 3.18 -14.72
N ASN C 160 -19.14 2.30 -13.79
CA ASN C 160 -20.06 2.57 -12.65
C ASN C 160 -19.37 3.47 -11.63
N GLN C 161 -18.37 2.92 -10.94
CA GLN C 161 -17.90 3.48 -9.66
C GLN C 161 -19.19 3.77 -8.87
N TYR C 162 -19.27 4.93 -8.20
CA TYR C 162 -20.51 5.58 -7.70
C TYR C 162 -20.21 7.05 -7.37
N LEU C 163 -19.01 7.35 -6.85
CA LEU C 163 -18.51 8.73 -6.71
C LEU C 163 -18.79 9.51 -8.01
N ARG C 164 -18.65 8.88 -9.19
CA ARG C 164 -18.85 9.56 -10.50
C ARG C 164 -20.30 10.03 -10.70
N GLY C 165 -21.25 9.42 -9.98
CA GLY C 165 -22.69 9.75 -10.07
C GLY C 165 -23.01 11.16 -9.61
N PHE C 166 -22.24 11.71 -8.68
CA PHE C 166 -22.43 13.08 -8.14
C PHE C 166 -22.03 14.13 -9.20
N SER C 167 -22.76 15.25 -9.20
CA SER C 167 -22.51 16.48 -9.99
C SER C 167 -21.15 17.05 -9.59
N LYS C 168 -20.45 17.67 -10.53
CA LYS C 168 -19.15 18.37 -10.29
C LYS C 168 -19.29 19.24 -9.03
N ASN C 169 -20.31 20.10 -8.93
CA ASN C 169 -20.40 21.10 -7.83
C ASN C 169 -20.43 20.39 -6.50
N ILE C 170 -21.10 19.22 -6.45
CA ILE C 170 -21.23 18.43 -5.20
C ILE C 170 -19.85 17.85 -4.86
N LEU C 171 -19.20 17.26 -5.85
CA LEU C 171 -17.86 16.65 -5.67
C LEU C 171 -16.86 17.73 -5.25
N GLU C 172 -16.82 18.88 -5.94
CA GLU C 172 -15.89 20.02 -5.65
C GLU C 172 -16.04 20.41 -4.17
N ALA C 173 -17.27 20.72 -3.72
CA ALA C 173 -17.63 21.13 -2.33
C ALA C 173 -17.33 20.02 -1.34
N SER C 174 -17.80 18.83 -1.68
CA SER C 174 -17.55 17.55 -0.96
C SER C 174 -16.03 17.35 -0.71
N TYR C 175 -15.17 17.24 -1.74
CA TYR C 175 -13.72 16.94 -1.57
C TYR C 175 -12.89 18.21 -1.29
N ASN C 176 -13.56 19.36 -1.21
CA ASN C 176 -12.99 20.72 -0.99
C ASN C 176 -11.80 20.94 -1.94
N THR C 177 -12.00 20.56 -3.20
CA THR C 177 -10.93 20.42 -4.21
C THR C 177 -11.56 20.70 -5.55
N ARG C 178 -10.77 21.18 -6.48
CA ARG C 178 -11.33 21.53 -7.79
C ARG C 178 -11.63 20.22 -8.52
N TYR C 179 -12.71 20.19 -9.28
CA TYR C 179 -13.27 18.95 -9.88
C TYR C 179 -12.22 18.18 -10.68
N GLU C 180 -11.38 18.87 -11.45
CA GLU C 180 -10.41 18.29 -12.43
C GLU C 180 -9.35 17.46 -11.68
N THR C 181 -8.95 17.89 -10.47
CA THR C 181 -8.05 17.14 -9.55
C THR C 181 -8.80 15.91 -8.98
N ILE C 182 -10.08 16.02 -8.59
CA ILE C 182 -10.92 14.85 -8.14
C ILE C 182 -10.95 13.76 -9.25
N GLU C 183 -11.23 14.15 -10.51
CA GLU C 183 -11.26 13.25 -11.69
C GLU C 183 -9.90 12.56 -11.90
N LYS C 184 -8.82 13.32 -12.00
CA LYS C 184 -7.45 12.76 -12.18
C LYS C 184 -7.20 11.69 -11.12
N VAL C 185 -7.57 11.95 -9.86
CA VAL C 185 -7.08 11.26 -8.62
C VAL C 185 -8.08 10.21 -8.10
N LEU C 186 -9.40 10.36 -8.27
CA LEU C 186 -10.38 9.36 -7.74
C LEU C 186 -11.16 8.63 -8.86
N LEU C 187 -11.43 9.26 -10.01
CA LEU C 187 -12.46 8.75 -10.96
C LEU C 187 -11.85 8.19 -12.28
N GLU C 188 -11.52 9.06 -13.26
CA GLU C 188 -11.30 8.75 -14.71
C GLU C 188 -12.61 8.29 -15.36
N ASP C 204 -11.83 -3.11 -13.87
CA ASP C 204 -12.60 -4.34 -13.54
C ASP C 204 -12.81 -4.45 -12.01
N ALA C 205 -13.61 -5.43 -11.59
CA ALA C 205 -14.03 -5.68 -10.18
C ALA C 205 -12.99 -6.54 -9.46
N ILE C 206 -12.39 -7.48 -10.20
CA ILE C 206 -11.23 -8.31 -9.75
C ILE C 206 -10.04 -8.06 -10.69
N VAL C 207 -8.89 -7.65 -10.13
CA VAL C 207 -7.67 -7.23 -10.90
C VAL C 207 -6.44 -7.96 -10.35
N LYS C 208 -5.33 -7.94 -11.10
CA LYS C 208 -4.03 -8.57 -10.73
C LYS C 208 -3.42 -7.73 -9.60
N VAL C 209 -2.44 -8.28 -8.85
CA VAL C 209 -1.71 -7.54 -7.78
C VAL C 209 -0.23 -7.99 -7.79
N SER C 210 0.70 -7.07 -8.03
CA SER C 210 2.16 -7.34 -8.14
C SER C 210 2.67 -7.98 -6.85
N ARG C 211 3.80 -8.68 -6.92
CA ARG C 211 4.35 -9.48 -5.79
C ARG C 211 4.73 -8.58 -4.60
N GLU C 212 5.05 -7.29 -4.77
CA GLU C 212 5.59 -6.46 -3.66
C GLU C 212 4.45 -5.79 -2.88
N GLN C 213 3.21 -5.83 -3.40
CA GLN C 213 1.98 -5.40 -2.68
C GLN C 213 1.55 -6.50 -1.71
N ILE C 214 1.34 -7.73 -2.21
CA ILE C 214 0.96 -8.93 -1.41
C ILE C 214 1.88 -9.01 -0.18
N GLU C 215 3.19 -9.07 -0.41
CA GLU C 215 4.22 -9.25 0.65
C GLU C 215 4.08 -8.11 1.66
N GLU C 216 3.94 -6.87 1.17
CA GLU C 216 3.76 -5.68 2.05
C GLU C 216 2.43 -5.79 2.79
N LEU C 217 1.39 -6.29 2.10
CA LEU C 217 0.00 -6.44 2.64
C LEU C 217 0.03 -7.36 3.87
N LYS C 218 1.03 -8.25 3.99
CA LYS C 218 1.43 -8.81 5.32
C LYS C 218 2.86 -8.31 5.63
N PHE C 233 -15.57 -9.58 16.02
CA PHE C 233 -16.34 -10.71 15.44
C PHE C 233 -15.47 -11.46 14.44
N GLU C 234 -14.69 -12.46 14.92
CA GLU C 234 -13.71 -13.26 14.11
C GLU C 234 -14.43 -14.36 13.32
N PRO C 235 -13.86 -14.84 12.18
CA PRO C 235 -14.44 -15.93 11.40
C PRO C 235 -14.70 -17.16 12.29
N ILE C 236 -15.74 -17.92 11.96
CA ILE C 236 -16.07 -19.20 12.65
C ILE C 236 -15.97 -20.29 11.58
N ASN C 237 -15.11 -21.28 11.85
CA ASN C 237 -14.78 -22.44 10.98
C ASN C 237 -15.80 -23.57 11.23
N LEU C 238 -16.44 -24.06 10.16
CA LEU C 238 -17.42 -25.19 10.13
C LEU C 238 -16.88 -26.44 10.83
N ARG C 239 -15.55 -26.66 10.77
CA ARG C 239 -14.87 -27.91 11.20
C ARG C 239 -14.07 -27.74 12.51
N SER C 240 -13.96 -26.52 13.05
CA SER C 240 -13.21 -26.21 14.30
C SER C 240 -13.69 -27.12 15.44
N HIS C 241 -15.01 -27.22 15.66
CA HIS C 241 -15.67 -28.10 16.66
C HIS C 241 -15.94 -29.49 16.06
N LYS C 242 -16.05 -30.51 16.94
CA LYS C 242 -16.22 -31.94 16.60
C LYS C 242 -17.58 -32.13 15.94
N PRO C 243 -17.64 -32.84 14.79
CA PRO C 243 -18.84 -32.85 13.94
C PRO C 243 -20.09 -33.34 14.68
N GLU C 244 -21.26 -32.83 14.30
CA GLU C 244 -22.54 -33.28 14.94
C GLU C 244 -22.65 -34.81 14.77
N TYR C 245 -22.46 -35.34 13.54
CA TYR C 245 -22.34 -36.79 13.27
C TYR C 245 -21.04 -37.13 12.53
N SER C 246 -20.37 -38.24 12.90
CA SER C 246 -19.33 -38.98 12.10
C SER C 246 -19.56 -40.50 12.14
N ASN C 247 -19.42 -41.13 10.98
CA ASN C 247 -19.45 -42.59 10.67
C ASN C 247 -18.29 -42.86 9.70
N LYS C 248 -18.01 -44.12 9.38
CA LYS C 248 -17.06 -44.53 8.32
C LYS C 248 -17.55 -44.01 6.97
N PHE C 249 -18.75 -43.41 6.91
CA PHE C 249 -19.49 -43.16 5.63
C PHE C 249 -19.79 -41.67 5.43
N GLY C 250 -19.70 -40.83 6.46
CA GLY C 250 -20.06 -39.40 6.36
C GLY C 250 -19.78 -38.60 7.61
N LYS C 251 -19.97 -37.28 7.51
CA LYS C 251 -19.66 -36.27 8.56
C LYS C 251 -20.62 -35.09 8.39
N LEU C 252 -21.35 -34.70 9.44
CA LEU C 252 -22.25 -33.51 9.42
C LEU C 252 -21.68 -32.47 10.38
N PHE C 253 -21.15 -31.39 9.83
CA PHE C 253 -20.73 -30.20 10.60
C PHE C 253 -21.87 -29.18 10.59
N GLU C 254 -22.11 -28.53 11.73
CA GLU C 254 -23.17 -27.51 11.84
C GLU C 254 -22.68 -26.33 12.68
N ILE C 255 -22.91 -25.11 12.18
CA ILE C 255 -23.07 -23.87 12.99
C ILE C 255 -24.57 -23.57 13.07
N THR C 256 -25.10 -23.39 14.29
CA THR C 256 -26.56 -23.15 14.55
C THR C 256 -26.75 -21.97 15.50
N PRO C 257 -28.01 -21.48 15.72
CA PRO C 257 -28.27 -20.32 16.58
C PRO C 257 -28.18 -20.56 18.11
N GLU C 258 -27.11 -21.20 18.60
CA GLU C 258 -26.88 -21.37 20.06
C GLU C 258 -26.55 -20.01 20.69
N LYS C 259 -26.39 -20.01 22.01
CA LYS C 259 -25.83 -18.89 22.83
C LYS C 259 -24.60 -18.28 22.14
N LYS C 260 -23.68 -19.10 21.62
CA LYS C 260 -22.27 -18.74 21.29
C LYS C 260 -22.05 -18.60 19.78
N TYR C 261 -23.10 -18.29 19.01
CA TYR C 261 -23.04 -17.75 17.62
C TYR C 261 -24.20 -16.76 17.46
N PRO C 262 -24.09 -15.53 18.00
CA PRO C 262 -25.21 -14.58 18.01
C PRO C 262 -25.45 -13.80 16.71
N GLN C 263 -24.63 -14.02 15.67
CA GLN C 263 -24.81 -13.43 14.31
C GLN C 263 -25.72 -14.33 13.48
N LEU C 264 -25.72 -15.63 13.76
CA LEU C 264 -26.60 -16.64 13.12
C LEU C 264 -27.88 -16.85 13.95
N GLN C 265 -27.97 -16.29 15.17
CA GLN C 265 -29.22 -16.19 15.97
C GLN C 265 -30.02 -14.96 15.49
N ASP C 266 -29.32 -13.84 15.34
CA ASP C 266 -29.74 -12.66 14.54
C ASP C 266 -30.65 -13.14 13.39
N LEU C 267 -30.06 -13.91 12.47
CA LEU C 267 -30.64 -14.20 11.13
C LEU C 267 -31.40 -15.53 11.19
N ASP C 268 -31.40 -16.18 12.36
CA ASP C 268 -32.03 -17.50 12.57
C ASP C 268 -31.54 -18.43 11.44
N LEU C 269 -30.22 -18.55 11.29
CA LEU C 269 -29.54 -19.28 10.18
C LEU C 269 -28.65 -20.36 10.77
N PHE C 270 -28.58 -21.53 10.13
CA PHE C 270 -27.44 -22.45 10.39
C PHE C 270 -26.63 -22.59 9.10
N VAL C 271 -25.35 -22.85 9.31
CA VAL C 271 -24.41 -23.28 8.22
C VAL C 271 -24.01 -24.74 8.50
N SER C 272 -24.05 -25.57 7.47
CA SER C 272 -23.67 -27.00 7.60
C SER C 272 -22.63 -27.32 6.53
N CYS C 273 -21.71 -28.23 6.87
CA CYS C 273 -20.99 -29.07 5.88
C CYS C 273 -21.43 -30.53 6.06
N VAL C 274 -21.87 -31.13 4.96
CA VAL C 274 -22.11 -32.59 4.85
C VAL C 274 -21.04 -33.21 3.94
N GLU C 275 -20.25 -34.14 4.48
CA GLU C 275 -19.40 -35.10 3.74
C GLU C 275 -20.19 -36.42 3.56
N ILE C 276 -20.42 -36.87 2.33
CA ILE C 276 -20.92 -38.26 2.05
C ILE C 276 -19.87 -39.03 1.23
N ASN C 277 -19.16 -39.93 1.91
CA ASN C 277 -18.12 -40.82 1.32
C ASN C 277 -18.73 -41.57 0.12
N GLU C 278 -17.94 -41.71 -0.94
CA GLU C 278 -18.23 -42.57 -2.12
C GLU C 278 -18.93 -43.88 -1.68
N GLY C 279 -20.05 -44.20 -2.33
CA GLY C 279 -20.88 -45.39 -2.07
C GLY C 279 -21.56 -45.36 -0.71
N ALA C 280 -21.62 -44.19 -0.06
CA ALA C 280 -22.30 -43.98 1.24
C ALA C 280 -23.63 -43.27 0.99
N LEU C 281 -24.48 -43.28 2.01
CA LEU C 281 -25.87 -42.79 2.02
C LEU C 281 -26.02 -41.87 3.23
N MET C 282 -26.63 -40.70 3.09
CA MET C 282 -27.18 -39.99 4.27
C MET C 282 -28.61 -40.46 4.44
N LEU C 283 -28.85 -41.12 5.58
CA LEU C 283 -30.11 -41.86 5.92
C LEU C 283 -31.33 -40.94 5.79
N PRO C 284 -32.50 -41.52 5.45
CA PRO C 284 -33.70 -40.71 5.24
C PRO C 284 -33.94 -39.87 6.51
N HIS C 285 -34.10 -38.57 6.34
CA HIS C 285 -34.26 -37.60 7.46
C HIS C 285 -35.08 -36.41 6.96
N TYR C 286 -35.77 -35.72 7.88
CA TYR C 286 -36.38 -34.38 7.67
C TYR C 286 -35.96 -33.45 8.82
N ASN C 287 -35.86 -32.17 8.48
CA ASN C 287 -35.66 -31.04 9.43
C ASN C 287 -37.01 -30.68 10.05
N SER C 288 -37.08 -30.49 11.38
CA SER C 288 -38.27 -30.03 12.14
C SER C 288 -38.92 -28.90 11.36
N ARG C 289 -38.05 -27.95 10.99
CA ARG C 289 -38.23 -26.49 11.13
C ARG C 289 -37.47 -25.74 10.02
N ALA C 290 -36.21 -26.10 9.76
CA ALA C 290 -35.30 -25.44 8.77
C ALA C 290 -35.70 -25.69 7.30
N ILE C 291 -35.51 -24.68 6.45
CA ILE C 291 -35.60 -24.82 4.97
C ILE C 291 -34.13 -24.83 4.50
N VAL C 292 -33.56 -26.00 4.19
CA VAL C 292 -32.10 -26.11 3.88
C VAL C 292 -31.89 -25.78 2.40
N VAL C 293 -30.96 -24.86 2.16
CA VAL C 293 -30.44 -24.48 0.81
C VAL C 293 -29.10 -25.20 0.65
N LEU C 294 -29.13 -26.24 -0.19
CA LEU C 294 -28.07 -27.26 -0.32
C LEU C 294 -27.30 -26.96 -1.60
N LEU C 295 -26.02 -26.57 -1.47
CA LEU C 295 -25.07 -26.46 -2.63
C LEU C 295 -24.06 -27.61 -2.56
N VAL C 296 -23.77 -28.24 -3.69
CA VAL C 296 -22.59 -29.14 -3.90
C VAL C 296 -21.33 -28.28 -4.12
N ASN C 297 -20.32 -28.32 -3.25
CA ASN C 297 -18.99 -27.71 -3.61
C ASN C 297 -18.35 -28.63 -4.65
N GLU C 298 -17.97 -29.84 -4.21
CA GLU C 298 -17.37 -30.90 -5.03
C GLU C 298 -18.16 -32.19 -4.80
N GLY C 299 -18.15 -33.07 -5.81
CA GLY C 299 -18.66 -34.44 -5.72
C GLY C 299 -19.86 -34.65 -6.64
N LYS C 300 -20.27 -35.91 -6.76
CA LYS C 300 -21.52 -36.29 -7.45
C LYS C 300 -22.30 -37.26 -6.55
N GLY C 301 -23.62 -37.23 -6.73
CA GLY C 301 -24.55 -38.12 -6.04
C GLY C 301 -25.94 -37.97 -6.58
N ASN C 302 -26.91 -38.38 -5.76
CA ASN C 302 -28.35 -38.39 -6.10
C ASN C 302 -29.12 -38.12 -4.82
N LEU C 303 -30.25 -37.45 -4.98
CA LEU C 303 -31.08 -36.96 -3.87
C LEU C 303 -32.51 -37.44 -4.13
N GLU C 304 -33.21 -37.85 -3.08
CA GLU C 304 -34.68 -38.02 -3.17
C GLU C 304 -35.29 -37.11 -2.12
N LEU C 305 -36.12 -36.17 -2.60
CA LEU C 305 -36.91 -35.25 -1.77
C LEU C 305 -38.38 -35.64 -1.97
N LEU C 306 -39.07 -35.96 -0.88
CA LEU C 306 -40.52 -36.29 -0.83
C LEU C 306 -41.34 -35.02 -0.53
N GLY C 307 -42.24 -34.67 -1.44
CA GLY C 307 -43.28 -33.64 -1.23
C GLY C 307 -44.61 -34.11 -1.79
N LEU C 308 -45.39 -33.21 -2.43
CA LEU C 308 -46.72 -33.46 -3.05
C LEU C 308 -46.76 -32.95 -4.51
N ASN C 323 -52.96 -36.62 -0.19
CA ASN C 323 -52.52 -35.94 -1.43
C ASN C 323 -51.18 -36.52 -1.92
N GLU C 324 -51.10 -37.87 -2.01
CA GLU C 324 -50.04 -38.69 -2.68
C GLU C 324 -48.62 -38.10 -2.48
N VAL C 325 -47.72 -38.87 -1.85
CA VAL C 325 -46.31 -38.44 -1.60
C VAL C 325 -45.48 -38.66 -2.87
N GLN C 326 -44.99 -37.55 -3.43
CA GLN C 326 -44.19 -37.46 -4.67
C GLN C 326 -42.71 -37.56 -4.30
N ARG C 327 -41.89 -38.07 -5.21
CA ARG C 327 -40.42 -38.20 -5.06
C ARG C 327 -39.81 -37.30 -6.13
N TYR C 328 -39.03 -36.31 -5.72
CA TYR C 328 -38.28 -35.41 -6.63
C TYR C 328 -36.82 -35.87 -6.62
N GLU C 329 -36.37 -36.41 -7.75
CA GLU C 329 -34.98 -36.90 -7.91
C GLU C 329 -34.13 -35.76 -8.43
N ALA C 330 -32.88 -35.67 -7.99
CA ALA C 330 -31.90 -34.71 -8.51
C ALA C 330 -30.55 -35.43 -8.69
N ARG C 331 -29.99 -35.36 -9.92
CA ARG C 331 -28.53 -35.57 -10.18
C ARG C 331 -27.78 -34.37 -9.56
N LEU C 332 -27.10 -34.60 -8.44
CA LEU C 332 -26.17 -33.65 -7.77
C LEU C 332 -24.82 -33.63 -8.50
N SER C 333 -24.29 -32.43 -8.79
CA SER C 333 -22.90 -32.21 -9.30
C SER C 333 -22.44 -30.81 -8.89
N PRO C 334 -21.13 -30.48 -8.98
CA PRO C 334 -20.60 -29.21 -8.45
C PRO C 334 -21.36 -27.95 -8.88
N GLY C 335 -21.82 -27.16 -7.87
CA GLY C 335 -22.49 -25.86 -8.05
C GLY C 335 -23.98 -26.01 -8.27
N ASP C 336 -24.52 -27.23 -8.15
CA ASP C 336 -25.98 -27.51 -8.18
C ASP C 336 -26.55 -27.13 -6.81
N VAL C 337 -27.82 -26.73 -6.79
CA VAL C 337 -28.50 -26.31 -5.53
C VAL C 337 -29.80 -27.07 -5.41
N VAL C 338 -30.10 -27.58 -4.20
CA VAL C 338 -31.43 -28.16 -3.82
C VAL C 338 -31.98 -27.35 -2.63
N ILE C 339 -33.25 -26.96 -2.72
CA ILE C 339 -34.05 -26.47 -1.55
C ILE C 339 -34.77 -27.69 -1.00
N ILE C 340 -34.44 -28.02 0.25
CA ILE C 340 -35.14 -29.00 1.15
C ILE C 340 -36.06 -28.22 2.08
N PRO C 341 -37.39 -28.18 1.83
CA PRO C 341 -38.34 -27.55 2.75
C PRO C 341 -38.40 -28.28 4.10
N ALA C 342 -38.86 -27.60 5.17
CA ALA C 342 -39.07 -28.18 6.53
C ALA C 342 -39.94 -29.42 6.44
N GLY C 343 -39.65 -30.41 7.28
CA GLY C 343 -40.38 -31.69 7.37
C GLY C 343 -40.52 -32.47 6.07
N HIS C 344 -40.11 -31.95 4.90
CA HIS C 344 -39.88 -32.75 3.65
C HIS C 344 -38.71 -33.70 3.85
N PRO C 345 -38.98 -35.03 3.92
CA PRO C 345 -37.92 -36.01 4.14
C PRO C 345 -37.05 -36.21 2.89
N VAL C 346 -35.78 -36.49 3.12
CA VAL C 346 -34.70 -36.45 2.10
C VAL C 346 -33.71 -37.58 2.40
N ALA C 347 -33.17 -38.19 1.37
CA ALA C 347 -32.04 -39.13 1.41
C ALA C 347 -31.04 -38.71 0.33
N ILE C 348 -29.74 -38.87 0.59
CA ILE C 348 -28.66 -38.47 -0.37
C ILE C 348 -27.65 -39.61 -0.47
N THR C 349 -27.45 -40.13 -1.69
CA THR C 349 -26.39 -41.10 -2.09
C THR C 349 -25.22 -40.35 -2.71
N ALA C 350 -24.03 -40.89 -2.61
CA ALA C 350 -22.80 -40.26 -3.14
C ALA C 350 -22.07 -41.25 -4.09
N SER C 351 -22.08 -40.99 -5.39
CA SER C 351 -21.34 -41.78 -6.41
C SER C 351 -19.83 -41.56 -6.30
N SER C 352 -19.39 -40.29 -6.15
CA SER C 352 -18.03 -39.85 -5.76
C SER C 352 -18.10 -39.09 -4.43
N ASN C 353 -17.02 -39.10 -3.63
CA ASN C 353 -16.93 -38.39 -2.32
C ASN C 353 -17.69 -37.06 -2.39
N LEU C 354 -18.86 -37.01 -1.77
CA LEU C 354 -19.80 -35.88 -1.95
C LEU C 354 -19.65 -34.93 -0.75
N ASN C 355 -19.62 -33.63 -1.06
CA ASN C 355 -19.29 -32.54 -0.12
C ASN C 355 -20.19 -31.34 -0.45
N LEU C 356 -21.03 -30.99 0.48
CA LEU C 356 -22.11 -30.02 0.19
C LEU C 356 -22.29 -29.12 1.40
N LEU C 357 -22.78 -27.91 1.10
CA LEU C 357 -22.93 -26.78 2.04
C LEU C 357 -24.43 -26.46 2.20
N GLY C 358 -24.91 -26.52 3.43
CA GLY C 358 -26.30 -26.15 3.77
C GLY C 358 -26.33 -24.80 4.45
N PHE C 359 -27.15 -23.88 3.93
CA PHE C 359 -27.77 -22.76 4.68
C PHE C 359 -29.18 -23.22 5.18
N GLY C 360 -29.35 -23.33 6.49
CA GLY C 360 -30.69 -23.58 7.05
C GLY C 360 -31.33 -22.27 7.43
N ILE C 361 -32.38 -21.83 6.72
CA ILE C 361 -33.33 -20.77 7.17
C ILE C 361 -34.25 -21.34 8.27
N ASN C 362 -34.78 -20.49 9.17
CA ASN C 362 -35.78 -20.82 10.24
C ASN C 362 -35.08 -21.65 11.32
N ALA C 363 -33.77 -21.47 11.47
CA ALA C 363 -32.84 -22.49 12.01
C ALA C 363 -33.00 -22.78 13.51
N GLU C 364 -33.60 -21.91 14.33
CA GLU C 364 -33.64 -22.21 15.80
C GLU C 364 -34.53 -23.45 16.03
N ASN C 365 -34.05 -24.36 16.89
CA ASN C 365 -34.80 -25.50 17.48
C ASN C 365 -34.95 -26.63 16.44
N ASN C 366 -34.41 -26.43 15.24
CA ASN C 366 -34.41 -27.44 14.15
C ASN C 366 -33.82 -28.73 14.68
N GLU C 367 -34.62 -29.78 14.66
CA GLU C 367 -34.22 -31.15 15.08
C GLU C 367 -34.20 -31.97 13.78
N ARG C 368 -33.19 -32.80 13.57
CA ARG C 368 -33.11 -33.71 12.39
C ARG C 368 -33.67 -35.09 12.81
N ASN C 369 -34.84 -35.48 12.27
CA ASN C 369 -35.57 -36.72 12.62
C ASN C 369 -35.20 -37.75 11.57
N PHE C 370 -34.39 -38.77 11.91
CA PHE C 370 -33.99 -39.87 10.98
C PHE C 370 -35.10 -40.91 11.00
N LEU C 371 -35.21 -41.67 9.91
CA LEU C 371 -36.26 -42.69 9.69
C LEU C 371 -35.64 -44.11 9.65
N SER C 372 -34.33 -44.20 9.91
CA SER C 372 -33.45 -45.40 9.74
C SER C 372 -32.23 -45.17 10.62
N GLY C 373 -31.61 -46.26 11.09
CA GLY C 373 -30.45 -46.22 12.02
C GLY C 373 -30.91 -46.25 13.46
N SER C 374 -29.98 -46.39 14.39
CA SER C 374 -30.23 -46.41 15.86
C SER C 374 -30.52 -44.99 16.37
N ASP C 375 -29.50 -44.13 16.36
CA ASP C 375 -29.56 -42.77 16.94
C ASP C 375 -30.41 -41.90 16.02
N ASP C 376 -31.25 -41.06 16.64
CA ASP C 376 -32.03 -39.99 15.99
C ASP C 376 -33.10 -40.59 15.06
N ASN C 377 -33.63 -41.77 15.39
CA ASN C 377 -34.65 -42.52 14.60
C ASN C 377 -36.03 -42.43 15.27
N VAL C 378 -36.87 -41.50 14.80
CA VAL C 378 -38.18 -41.15 15.42
C VAL C 378 -39.15 -42.34 15.40
N ILE C 379 -39.08 -43.18 14.37
CA ILE C 379 -39.91 -44.40 14.19
C ILE C 379 -39.79 -45.29 15.44
N SER C 380 -38.66 -45.30 16.16
CA SER C 380 -38.51 -46.24 17.30
C SER C 380 -38.75 -45.52 18.63
N GLN C 381 -39.16 -44.26 18.55
CA GLN C 381 -39.67 -43.49 19.72
C GLN C 381 -41.17 -43.75 19.84
N ILE C 382 -41.82 -44.21 18.76
CA ILE C 382 -43.22 -44.73 18.80
C ILE C 382 -43.29 -45.86 19.84
N GLU C 383 -44.42 -45.98 20.54
CA GLU C 383 -44.71 -47.07 21.53
C GLU C 383 -45.12 -48.34 20.76
N ASN C 384 -44.76 -49.52 21.30
CA ASN C 384 -44.90 -50.84 20.62
C ASN C 384 -46.37 -51.09 20.25
N PRO C 385 -47.35 -50.83 21.13
CA PRO C 385 -48.75 -50.87 20.74
C PRO C 385 -49.05 -50.04 19.48
N VAL C 386 -48.49 -48.83 19.42
CA VAL C 386 -48.81 -47.84 18.36
C VAL C 386 -48.08 -48.27 17.08
N LYS C 387 -46.89 -48.89 17.27
CA LYS C 387 -46.12 -49.59 16.20
C LYS C 387 -47.02 -50.59 15.45
N GLU C 388 -47.70 -51.52 16.12
CA GLU C 388 -48.66 -52.48 15.47
C GLU C 388 -49.70 -51.69 14.66
N LEU C 389 -50.20 -50.57 15.18
CA LEU C 389 -51.30 -49.79 14.56
C LEU C 389 -50.80 -49.03 13.33
N THR C 390 -49.53 -48.62 13.37
CA THR C 390 -48.94 -47.69 12.36
C THR C 390 -48.32 -48.52 11.20
N PHE C 391 -47.82 -49.72 11.45
CA PHE C 391 -47.16 -50.55 10.39
C PHE C 391 -47.79 -51.94 10.26
N PRO C 392 -47.79 -52.53 9.05
CA PRO C 392 -48.42 -53.84 8.83
C PRO C 392 -47.79 -54.96 9.68
N GLY C 393 -46.47 -54.90 9.87
CA GLY C 393 -45.71 -55.91 10.62
C GLY C 393 -46.19 -55.98 12.05
N SER C 394 -45.74 -57.02 12.75
CA SER C 394 -45.91 -57.20 14.20
C SER C 394 -44.88 -56.31 14.90
N VAL C 395 -45.06 -56.09 16.19
CA VAL C 395 -44.08 -55.43 17.10
C VAL C 395 -42.69 -56.09 16.97
N GLN C 396 -42.60 -57.43 17.03
CA GLN C 396 -41.29 -58.15 17.00
C GLN C 396 -40.61 -57.79 15.68
N GLU C 397 -41.38 -57.92 14.59
CA GLU C 397 -40.94 -57.81 13.18
C GLU C 397 -40.39 -56.39 12.95
N ILE C 398 -41.10 -55.41 13.51
CA ILE C 398 -40.79 -53.97 13.35
C ILE C 398 -39.48 -53.68 14.10
N ASN C 399 -39.31 -54.18 15.31
CA ASN C 399 -38.14 -53.79 16.14
C ASN C 399 -36.88 -54.43 15.53
N ARG C 400 -37.02 -55.66 14.99
CA ARG C 400 -35.95 -56.52 14.41
C ARG C 400 -35.37 -55.89 13.15
N LEU C 401 -36.26 -55.37 12.28
CA LEU C 401 -35.97 -54.62 11.01
C LEU C 401 -35.29 -53.25 11.27
N ILE C 402 -35.77 -52.52 12.27
CA ILE C 402 -35.25 -51.17 12.62
C ILE C 402 -33.86 -51.33 13.25
N LYS C 403 -33.50 -52.52 13.75
CA LYS C 403 -32.15 -52.84 14.30
C LYS C 403 -31.19 -53.41 13.25
N ASN C 404 -31.61 -53.66 11.99
CA ASN C 404 -30.73 -54.25 10.94
C ASN C 404 -29.70 -53.19 10.48
N GLN C 405 -30.08 -51.89 10.56
CA GLN C 405 -29.25 -50.72 10.18
C GLN C 405 -28.46 -50.25 11.42
N LYS C 406 -27.20 -50.65 11.55
CA LYS C 406 -26.40 -50.47 12.78
C LYS C 406 -25.79 -49.07 12.77
N GLN C 407 -25.54 -48.54 11.57
CA GLN C 407 -25.05 -47.15 11.41
C GLN C 407 -26.15 -46.15 11.81
N SER C 408 -25.76 -44.92 12.14
CA SER C 408 -26.66 -43.75 12.30
C SER C 408 -26.24 -42.62 11.34
N HIS C 409 -27.22 -41.85 10.84
CA HIS C 409 -27.01 -40.60 10.05
C HIS C 409 -26.51 -40.95 8.64
N PHE C 410 -25.37 -41.67 8.56
CA PHE C 410 -24.70 -42.13 7.31
C PHE C 410 -24.39 -43.61 7.42
N ALA C 411 -24.70 -44.35 6.35
CA ALA C 411 -24.41 -45.79 6.24
C ALA C 411 -23.97 -46.12 4.82
N ASN C 412 -23.56 -47.38 4.63
CA ASN C 412 -23.25 -47.97 3.30
C ASN C 412 -24.53 -47.98 2.44
N ALA C 413 -24.44 -47.39 1.26
CA ALA C 413 -25.35 -47.59 0.11
C ALA C 413 -25.06 -48.96 -0.52
#